data_2LA1
#
_entry.id   2LA1
#
_entity_poly.entity_id   1
_entity_poly.type   'polypeptide(L)'
_entity_poly.pdbx_seq_one_letter_code
;RICYNHLGTKPPTTETCQEDSCYKNIWTFDNIIRRGCGCFTPRGDMPGPYCCESDKCNL
;
_entity_poly.pdbx_strand_id   A
#
# COMPACT_ATOMS: atom_id res chain seq x y z
N ARG A 1 4.95 3.66 -9.77
CA ARG A 1 5.13 5.14 -9.73
C ARG A 1 5.47 5.56 -8.29
N ILE A 2 5.22 6.79 -7.92
CA ILE A 2 5.53 7.18 -6.51
C ILE A 2 4.37 6.81 -5.61
N CYS A 3 4.52 5.79 -4.82
CA CYS A 3 3.40 5.44 -3.91
C CYS A 3 3.88 5.62 -2.46
N TYR A 4 2.99 5.51 -1.52
CA TYR A 4 3.42 5.69 -0.11
C TYR A 4 4.05 4.39 0.41
N ASN A 5 5.13 4.51 1.13
CA ASN A 5 5.83 3.29 1.66
C ASN A 5 5.69 3.27 3.19
N HIS A 6 4.79 4.02 3.74
CA HIS A 6 4.63 4.04 5.22
C HIS A 6 4.27 2.63 5.71
N LEU A 7 4.93 2.18 6.74
CA LEU A 7 4.65 0.82 7.29
C LEU A 7 3.90 0.93 8.62
N GLY A 8 2.61 0.68 8.61
CA GLY A 8 1.81 0.74 9.87
C GLY A 8 2.34 1.82 10.81
N THR A 9 3.05 1.43 11.85
CA THR A 9 3.58 2.44 12.82
C THR A 9 4.97 2.90 12.37
N LYS A 10 5.64 2.12 11.58
CA LYS A 10 7.00 2.52 11.11
C LYS A 10 6.93 3.97 10.62
N PRO A 11 8.07 4.55 10.34
CA PRO A 11 8.13 5.93 9.84
C PRO A 11 7.54 5.98 8.42
N PRO A 12 6.56 6.82 8.23
CA PRO A 12 5.85 6.94 6.95
C PRO A 12 6.69 7.65 5.89
N THR A 13 6.95 6.99 4.80
CA THR A 13 7.75 7.63 3.70
C THR A 13 7.22 7.15 2.34
N THR A 14 7.32 7.96 1.34
CA THR A 14 6.84 7.53 0.00
C THR A 14 7.90 6.65 -0.66
N GLU A 15 7.56 5.98 -1.72
CA GLU A 15 8.55 5.10 -2.39
C GLU A 15 8.19 4.96 -3.86
N THR A 16 9.12 5.26 -4.74
CA THR A 16 8.81 5.14 -6.19
C THR A 16 8.79 3.67 -6.59
N CYS A 17 7.87 3.29 -7.43
CA CYS A 17 7.74 1.88 -7.84
C CYS A 17 7.39 1.80 -9.33
N GLN A 18 7.09 0.61 -9.81
CA GLN A 18 6.72 0.48 -11.24
C GLN A 18 5.21 0.49 -11.43
N GLU A 19 4.49 -0.20 -10.60
CA GLU A 19 3.01 -0.25 -10.78
C GLU A 19 2.44 1.14 -10.53
N ASP A 20 1.63 1.62 -11.44
CA ASP A 20 1.04 2.98 -11.26
C ASP A 20 0.07 2.93 -10.09
N SER A 21 -0.22 1.75 -9.62
CA SER A 21 -1.16 1.66 -8.48
C SER A 21 -0.38 1.79 -7.17
N CYS A 22 -1.07 1.79 -6.07
CA CYS A 22 -0.37 1.86 -4.75
C CYS A 22 -1.14 0.98 -3.79
N TYR A 23 -0.55 -0.03 -3.23
CA TYR A 23 -1.33 -0.91 -2.32
C TYR A 23 -1.05 -0.56 -0.86
N LYS A 24 -2.10 -0.45 -0.12
CA LYS A 24 -1.98 -0.13 1.32
C LYS A 24 -3.00 -1.00 2.03
N ASN A 25 -2.54 -2.00 2.71
CA ASN A 25 -3.45 -2.96 3.37
C ASN A 25 -3.11 -3.12 4.85
N ILE A 26 -4.07 -3.51 5.64
CA ILE A 26 -3.82 -3.71 7.09
C ILE A 26 -3.24 -5.11 7.30
N TRP A 27 -3.53 -6.02 6.42
CA TRP A 27 -2.99 -7.40 6.57
C TRP A 27 -1.50 -7.41 6.22
N THR A 28 -0.69 -7.97 7.06
CA THR A 28 0.77 -8.00 6.76
C THR A 28 1.45 -9.11 7.57
N PHE A 29 2.70 -8.93 7.89
CA PHE A 29 3.42 -9.98 8.68
C PHE A 29 3.75 -9.45 10.07
N ASP A 30 4.82 -8.70 10.20
CA ASP A 30 5.19 -8.17 11.54
C ASP A 30 4.47 -6.84 11.82
N ASN A 31 4.45 -5.96 10.86
CA ASN A 31 3.77 -4.65 11.07
C ASN A 31 2.26 -4.81 10.86
N ILE A 32 1.59 -3.77 10.44
CA ILE A 32 0.12 -3.88 10.22
C ILE A 32 -0.25 -3.28 8.86
N ILE A 33 -0.09 -2.00 8.71
CA ILE A 33 -0.45 -1.35 7.40
C ILE A 33 0.79 -1.24 6.53
N ARG A 34 0.65 -1.38 5.25
CA ARG A 34 1.83 -1.25 4.36
C ARG A 34 1.43 -0.63 3.02
N ARG A 35 1.88 0.56 2.79
CA ARG A 35 1.57 1.25 1.50
C ARG A 35 2.68 0.94 0.48
N GLY A 36 2.31 0.49 -0.69
CA GLY A 36 3.33 0.16 -1.71
C GLY A 36 2.86 0.54 -3.10
N CYS A 37 3.23 -0.22 -4.08
CA CYS A 37 2.84 0.09 -5.48
C CYS A 37 2.04 -1.04 -6.11
N GLY A 38 0.77 -0.82 -6.34
CA GLY A 38 -0.06 -1.87 -6.97
C GLY A 38 -1.20 -2.21 -6.03
N CYS A 39 -1.73 -3.37 -6.16
CA CYS A 39 -2.84 -3.79 -5.25
C CYS A 39 -2.37 -4.95 -4.38
N PHE A 40 -3.14 -5.27 -3.38
CA PHE A 40 -2.77 -6.39 -2.47
C PHE A 40 -2.83 -7.71 -3.24
N THR A 41 -2.61 -8.80 -2.56
CA THR A 41 -2.61 -10.11 -3.27
C THR A 41 -4.01 -10.77 -3.24
N PRO A 42 -4.64 -10.83 -2.09
CA PRO A 42 -5.96 -11.45 -1.95
C PRO A 42 -7.07 -10.44 -2.21
N ARG A 43 -7.01 -9.75 -3.32
CA ARG A 43 -8.09 -8.76 -3.61
C ARG A 43 -9.44 -9.44 -3.50
N GLY A 44 -10.41 -8.77 -2.97
CA GLY A 44 -11.74 -9.40 -2.86
C GLY A 44 -12.61 -8.61 -1.89
N ASP A 45 -13.77 -9.12 -1.55
CA ASP A 45 -14.67 -8.38 -0.63
C ASP A 45 -14.43 -8.83 0.81
N MET A 46 -13.83 -9.98 1.02
CA MET A 46 -13.59 -10.44 2.41
C MET A 46 -12.64 -9.45 3.11
N PRO A 47 -11.53 -9.20 2.49
CA PRO A 47 -10.51 -8.26 3.03
C PRO A 47 -10.90 -6.83 2.65
N GLY A 48 -10.34 -5.86 3.31
CA GLY A 48 -10.68 -4.45 2.97
C GLY A 48 -9.43 -3.57 3.01
N PRO A 49 -8.43 -3.96 2.24
CA PRO A 49 -7.17 -3.20 2.16
C PRO A 49 -7.36 -1.98 1.24
N TYR A 50 -6.30 -1.29 0.92
CA TYR A 50 -6.48 -0.08 0.05
C TYR A 50 -5.49 -0.04 -1.13
N CYS A 51 -5.98 -0.25 -2.32
CA CYS A 51 -5.12 -0.15 -3.54
C CYS A 51 -5.52 1.15 -4.23
N CYS A 52 -4.67 1.71 -5.01
CA CYS A 52 -5.04 2.99 -5.68
C CYS A 52 -4.27 3.11 -6.98
N GLU A 53 -4.65 4.04 -7.81
CA GLU A 53 -3.92 4.20 -9.10
C GLU A 53 -3.36 5.61 -9.23
N SER A 54 -2.90 6.18 -8.14
CA SER A 54 -2.31 7.54 -8.19
C SER A 54 -1.05 7.54 -7.34
N ASP A 55 -0.15 8.46 -7.57
CA ASP A 55 1.10 8.48 -6.75
C ASP A 55 0.76 8.90 -5.32
N LYS A 56 1.56 8.46 -4.38
CA LYS A 56 1.30 8.81 -2.95
C LYS A 56 -0.20 8.77 -2.66
N CYS A 57 -0.92 7.93 -3.36
CA CYS A 57 -2.39 7.85 -3.14
C CYS A 57 -2.71 6.99 -1.91
N ASN A 58 -1.81 6.12 -1.52
CA ASN A 58 -2.10 5.28 -0.35
C ASN A 58 -1.57 5.95 0.92
N LEU A 59 -1.82 7.22 1.08
CA LEU A 59 -1.34 7.92 2.30
C LEU A 59 -2.28 7.61 3.47
N ARG A 1 5.15 5.03 -11.35
CA ARG A 1 4.47 6.04 -10.48
C ARG A 1 5.17 6.07 -9.11
N ILE A 2 4.66 6.85 -8.18
CA ILE A 2 5.30 6.90 -6.83
C ILE A 2 4.30 6.49 -5.76
N CYS A 3 4.56 5.44 -5.04
CA CYS A 3 3.59 5.05 -3.99
C CYS A 3 4.29 4.95 -2.63
N TYR A 4 3.54 4.85 -1.55
CA TYR A 4 4.21 4.76 -0.22
C TYR A 4 4.76 3.36 -0.02
N ASN A 5 5.88 3.23 0.64
CA ASN A 5 6.49 1.89 0.83
C ASN A 5 6.52 1.47 2.32
N HIS A 6 6.60 2.39 3.24
CA HIS A 6 6.72 1.97 4.67
C HIS A 6 5.47 1.27 5.18
N LEU A 7 5.56 0.79 6.39
CA LEU A 7 4.41 0.06 6.99
C LEU A 7 3.73 0.88 8.08
N GLY A 8 2.75 0.30 8.72
CA GLY A 8 2.01 0.98 9.82
C GLY A 8 1.35 2.27 9.31
N THR A 9 0.70 2.98 10.19
CA THR A 9 0.02 4.25 9.78
C THR A 9 1.03 5.39 9.72
N LYS A 10 2.12 5.28 10.43
CA LYS A 10 3.13 6.37 10.41
C LYS A 10 3.39 6.77 8.95
N PRO A 11 4.06 7.88 8.77
CA PRO A 11 4.38 8.39 7.42
C PRO A 11 5.50 7.52 6.82
N PRO A 12 5.14 6.76 5.81
CA PRO A 12 6.09 5.84 5.16
C PRO A 12 7.02 6.58 4.20
N THR A 13 7.83 5.85 3.47
CA THR A 13 8.76 6.51 2.51
C THR A 13 8.30 6.17 1.09
N THR A 14 7.90 7.15 0.35
CA THR A 14 7.40 6.88 -1.03
C THR A 14 8.40 6.00 -1.77
N GLU A 15 7.90 5.19 -2.64
CA GLU A 15 8.76 4.28 -3.45
C GLU A 15 8.21 4.28 -4.87
N THR A 16 9.04 4.50 -5.83
CA THR A 16 8.53 4.53 -7.24
C THR A 16 8.20 3.13 -7.72
N CYS A 17 7.05 2.97 -8.31
CA CYS A 17 6.64 1.65 -8.83
C CYS A 17 5.93 1.86 -10.16
N GLN A 18 6.07 0.96 -11.09
CA GLN A 18 5.38 1.16 -12.39
C GLN A 18 3.88 1.20 -12.16
N GLU A 19 3.41 0.38 -11.28
CA GLU A 19 1.94 0.37 -11.05
C GLU A 19 1.55 1.71 -10.46
N ASP A 20 0.68 2.41 -11.12
CA ASP A 20 0.26 3.75 -10.59
C ASP A 20 -0.59 3.52 -9.36
N SER A 21 -1.02 2.32 -9.15
CA SER A 21 -1.86 2.03 -7.97
C SER A 21 -0.94 1.88 -6.75
N CYS A 22 -1.40 2.28 -5.60
CA CYS A 22 -0.56 2.13 -4.38
C CYS A 22 -1.39 1.30 -3.42
N TYR A 23 -0.88 0.23 -2.93
CA TYR A 23 -1.71 -0.60 -2.03
C TYR A 23 -1.23 -0.50 -0.59
N LYS A 24 -2.15 -0.21 0.26
CA LYS A 24 -1.83 -0.11 1.72
C LYS A 24 -2.80 -1.03 2.46
N ASN A 25 -2.29 -2.08 3.03
CA ASN A 25 -3.14 -3.08 3.73
C ASN A 25 -2.69 -3.25 5.18
N ILE A 26 -3.41 -4.02 5.94
CA ILE A 26 -3.02 -4.25 7.35
C ILE A 26 -2.63 -5.73 7.53
N TRP A 27 -2.79 -6.52 6.51
CA TRP A 27 -2.44 -7.97 6.62
C TRP A 27 -1.05 -8.21 6.03
N THR A 28 -0.13 -8.65 6.84
CA THR A 28 1.24 -8.91 6.32
C THR A 28 1.97 -9.89 7.26
N PHE A 29 2.13 -9.51 8.50
CA PHE A 29 2.81 -10.43 9.46
C PHE A 29 1.81 -10.85 10.53
N ASP A 30 1.43 -9.95 11.38
CA ASP A 30 0.44 -10.29 12.46
C ASP A 30 -0.61 -9.18 12.53
N ASN A 31 -0.20 -7.99 12.90
CA ASN A 31 -1.17 -6.85 12.98
C ASN A 31 -0.44 -5.53 12.71
N ILE A 32 -0.23 -5.22 11.46
CA ILE A 32 0.48 -3.94 11.11
C ILE A 32 -0.11 -3.38 9.82
N ILE A 33 0.57 -2.46 9.19
CA ILE A 33 0.05 -1.86 7.93
C ILE A 33 1.19 -1.75 6.92
N ARG A 34 0.92 -1.78 5.65
CA ARG A 34 2.04 -1.66 4.67
C ARG A 34 1.63 -0.91 3.41
N ARG A 35 2.18 0.24 3.22
CA ARG A 35 1.88 1.03 2.00
C ARG A 35 2.86 0.60 0.91
N GLY A 36 2.35 0.08 -0.17
CA GLY A 36 3.25 -0.37 -1.27
C GLY A 36 2.76 0.19 -2.60
N CYS A 37 3.05 -0.50 -3.67
CA CYS A 37 2.61 -0.01 -4.99
C CYS A 37 1.85 -1.13 -5.71
N GLY A 38 0.67 -0.86 -6.17
CA GLY A 38 -0.11 -1.92 -6.86
C GLY A 38 -0.82 -2.74 -5.78
N CYS A 39 -2.00 -3.21 -6.04
CA CYS A 39 -2.70 -4.00 -5.00
C CYS A 39 -1.90 -5.24 -4.68
N PHE A 40 -2.05 -5.75 -3.51
CA PHE A 40 -1.28 -6.96 -3.09
C PHE A 40 -1.70 -8.16 -3.96
N THR A 41 -1.04 -9.28 -3.79
CA THR A 41 -1.36 -10.47 -4.63
C THR A 41 -2.63 -11.20 -4.16
N PRO A 42 -2.77 -11.40 -2.88
CA PRO A 42 -3.91 -12.12 -2.31
C PRO A 42 -5.12 -11.18 -2.15
N ARG A 43 -5.40 -10.40 -3.16
CA ARG A 43 -6.55 -9.47 -3.07
C ARG A 43 -7.85 -10.26 -2.96
N GLY A 44 -8.90 -9.62 -2.52
CA GLY A 44 -10.19 -10.31 -2.40
C GLY A 44 -11.19 -9.43 -1.64
N ASP A 45 -12.30 -9.97 -1.24
CA ASP A 45 -13.31 -9.16 -0.51
C ASP A 45 -12.99 -9.17 0.99
N MET A 46 -11.97 -9.89 1.39
CA MET A 46 -11.62 -9.95 2.84
C MET A 46 -10.80 -8.72 3.23
N PRO A 47 -9.78 -8.42 2.46
CA PRO A 47 -8.89 -7.29 2.72
C PRO A 47 -9.51 -5.97 2.24
N GLY A 48 -9.10 -4.89 2.83
CA GLY A 48 -9.62 -3.56 2.44
C GLY A 48 -8.50 -2.53 2.57
N PRO A 49 -7.47 -2.73 1.78
CA PRO A 49 -6.29 -1.84 1.78
C PRO A 49 -6.59 -0.52 1.11
N TYR A 50 -5.56 0.25 0.90
CA TYR A 50 -5.72 1.55 0.22
C TYR A 50 -5.12 1.45 -1.18
N CYS A 51 -5.81 0.78 -2.08
CA CYS A 51 -5.29 0.65 -3.46
C CYS A 51 -5.65 1.93 -4.21
N CYS A 52 -4.70 2.74 -4.54
CA CYS A 52 -5.04 4.01 -5.25
C CYS A 52 -4.06 4.27 -6.38
N GLU A 53 -4.56 4.78 -7.47
CA GLU A 53 -3.67 5.09 -8.61
C GLU A 53 -3.07 6.49 -8.42
N SER A 54 -3.06 6.99 -7.21
CA SER A 54 -2.48 8.33 -6.96
C SER A 54 -1.09 8.16 -6.36
N ASP A 55 -0.18 9.03 -6.70
CA ASP A 55 1.19 8.89 -6.15
C ASP A 55 1.16 9.15 -4.65
N LYS A 56 2.03 8.51 -3.92
CA LYS A 56 2.06 8.69 -2.43
C LYS A 56 0.63 8.83 -1.91
N CYS A 57 -0.28 8.02 -2.37
CA CYS A 57 -1.69 8.13 -1.90
C CYS A 57 -1.96 7.23 -0.69
N ASN A 58 -1.28 6.10 -0.56
CA ASN A 58 -1.58 5.23 0.61
C ASN A 58 -1.10 5.90 1.90
N LEU A 59 -1.72 6.99 2.28
CA LEU A 59 -1.31 7.68 3.54
C LEU A 59 -2.55 7.89 4.42
N ARG A 1 4.91 4.63 -11.63
CA ARG A 1 4.39 5.75 -10.81
C ARG A 1 5.07 5.74 -9.44
N ILE A 2 4.50 6.41 -8.46
CA ILE A 2 5.13 6.42 -7.12
C ILE A 2 4.09 6.23 -6.03
N CYS A 3 4.37 5.38 -5.09
CA CYS A 3 3.42 5.21 -3.96
C CYS A 3 4.23 5.17 -2.68
N TYR A 4 3.59 5.29 -1.55
CA TYR A 4 4.37 5.28 -0.29
C TYR A 4 4.65 3.84 0.15
N ASN A 5 5.72 3.65 0.87
CA ASN A 5 6.10 2.31 1.36
C ASN A 5 6.03 2.29 2.90
N HIS A 6 5.15 3.04 3.49
CA HIS A 6 5.06 3.07 4.98
C HIS A 6 4.61 1.69 5.50
N LEU A 7 5.37 1.11 6.37
CA LEU A 7 4.99 -0.22 6.94
C LEU A 7 4.53 -0.02 8.38
N GLY A 8 3.27 0.28 8.59
CA GLY A 8 2.77 0.50 9.98
C GLY A 8 3.83 1.23 10.80
N THR A 9 4.61 2.04 10.16
CA THR A 9 5.67 2.78 10.89
C THR A 9 5.34 4.27 10.88
N LYS A 10 5.21 4.85 12.04
CA LYS A 10 4.88 6.30 12.13
C LYS A 10 5.56 7.06 10.98
N PRO A 11 6.85 6.89 10.88
CA PRO A 11 7.66 7.51 9.81
C PRO A 11 7.50 6.66 8.54
N PRO A 12 6.79 7.20 7.58
CA PRO A 12 6.52 6.49 6.32
C PRO A 12 7.66 6.66 5.32
N THR A 13 7.93 5.65 4.54
CA THR A 13 9.01 5.77 3.51
C THR A 13 8.35 5.53 2.16
N THR A 14 8.64 6.34 1.18
CA THR A 14 7.98 6.13 -0.13
C THR A 14 8.82 5.23 -1.02
N GLU A 15 8.25 4.82 -2.11
CA GLU A 15 8.98 3.95 -3.07
C GLU A 15 8.43 4.26 -4.46
N THR A 16 9.07 3.78 -5.49
CA THR A 16 8.57 4.06 -6.86
C THR A 16 8.37 2.75 -7.62
N CYS A 17 7.31 2.64 -8.37
CA CYS A 17 7.05 1.39 -9.13
C CYS A 17 6.52 1.73 -10.52
N GLN A 18 6.02 0.75 -11.21
CA GLN A 18 5.44 1.00 -12.55
C GLN A 18 3.94 1.18 -12.39
N GLU A 19 3.37 0.39 -11.54
CA GLU A 19 1.91 0.47 -11.34
C GLU A 19 1.56 1.83 -10.74
N ASP A 20 0.55 2.45 -11.26
CA ASP A 20 0.14 3.78 -10.72
C ASP A 20 -0.78 3.54 -9.53
N SER A 21 -1.02 2.30 -9.21
CA SER A 21 -1.89 1.99 -8.06
C SER A 21 -1.06 2.11 -6.79
N CYS A 22 -1.69 2.32 -5.68
CA CYS A 22 -0.93 2.41 -4.40
C CYS A 22 -1.79 1.66 -3.40
N TYR A 23 -1.28 0.66 -2.77
CA TYR A 23 -2.15 -0.12 -1.86
C TYR A 23 -1.88 0.20 -0.41
N LYS A 24 -2.89 0.07 0.37
CA LYS A 24 -2.75 0.28 1.84
C LYS A 24 -3.60 -0.77 2.57
N ASN A 25 -3.00 -1.83 3.05
CA ASN A 25 -3.80 -2.89 3.72
C ASN A 25 -3.42 -2.99 5.20
N ILE A 26 -4.14 -3.80 5.94
CA ILE A 26 -3.85 -3.95 7.39
C ILE A 26 -3.70 -5.44 7.74
N TRP A 27 -3.94 -6.30 6.79
CA TRP A 27 -3.83 -7.76 7.07
C TRP A 27 -2.36 -8.17 7.07
N THR A 28 -1.90 -8.73 8.15
CA THR A 28 -0.47 -9.13 8.20
C THR A 28 -0.28 -10.19 9.29
N PHE A 29 0.92 -10.66 9.47
CA PHE A 29 1.17 -11.69 10.52
C PHE A 29 2.04 -11.09 11.63
N ASP A 30 2.78 -10.06 11.32
CA ASP A 30 3.65 -9.43 12.36
C ASP A 30 3.51 -7.90 12.30
N ASN A 31 3.36 -7.36 11.12
CA ASN A 31 3.23 -5.87 11.01
C ASN A 31 1.75 -5.46 11.14
N ILE A 32 1.33 -4.47 10.40
CA ILE A 32 -0.09 -4.01 10.49
C ILE A 32 -0.44 -3.23 9.22
N ILE A 33 -0.15 -1.95 9.18
CA ILE A 33 -0.46 -1.15 7.97
C ILE A 33 0.64 -1.34 6.95
N ARG A 34 0.30 -1.49 5.70
CA ARG A 34 1.35 -1.65 4.68
C ARG A 34 0.93 -1.02 3.38
N ARG A 35 1.49 0.09 3.09
CA ARG A 35 1.13 0.78 1.83
C ARG A 35 2.29 0.72 0.85
N GLY A 36 2.02 0.26 -0.35
CA GLY A 36 3.11 0.15 -1.37
C GLY A 36 2.59 0.66 -2.72
N CYS A 37 3.13 0.14 -3.79
CA CYS A 37 2.71 0.58 -5.15
C CYS A 37 1.97 -0.57 -5.84
N GLY A 38 0.78 -0.34 -6.30
CA GLY A 38 -0.01 -1.42 -6.94
C GLY A 38 -0.86 -2.07 -5.85
N CYS A 39 -1.29 -3.27 -6.04
CA CYS A 39 -2.10 -3.94 -4.98
C CYS A 39 -1.33 -5.14 -4.44
N PHE A 40 -1.68 -5.61 -3.28
CA PHE A 40 -0.97 -6.78 -2.71
C PHE A 40 -1.23 -8.02 -3.59
N THR A 41 -0.55 -9.10 -3.33
CA THR A 41 -0.73 -10.31 -4.16
C THR A 41 -2.01 -11.09 -3.82
N PRO A 42 -2.26 -11.29 -2.54
CA PRO A 42 -3.42 -12.06 -2.08
C PRO A 42 -4.68 -11.20 -2.06
N ARG A 43 -4.94 -10.47 -3.11
CA ARG A 43 -6.17 -9.62 -3.14
C ARG A 43 -7.40 -10.51 -3.09
N GLY A 44 -8.54 -9.92 -2.86
CA GLY A 44 -9.79 -10.71 -2.80
C GLY A 44 -10.90 -9.88 -2.15
N ASP A 45 -11.90 -10.53 -1.62
CA ASP A 45 -13.02 -9.80 -0.97
C ASP A 45 -12.75 -9.66 0.53
N MET A 46 -12.11 -10.64 1.11
CA MET A 46 -11.83 -10.58 2.57
C MET A 46 -11.12 -9.27 2.92
N PRO A 47 -10.07 -8.97 2.21
CA PRO A 47 -9.28 -7.76 2.42
C PRO A 47 -9.93 -6.54 1.76
N GLY A 48 -9.67 -5.39 2.30
CA GLY A 48 -10.22 -4.14 1.73
C GLY A 48 -9.20 -3.02 1.96
N PRO A 49 -8.06 -3.17 1.34
CA PRO A 49 -6.96 -2.21 1.45
C PRO A 49 -7.26 -0.92 0.70
N TYR A 50 -6.26 -0.11 0.52
CA TYR A 50 -6.47 1.16 -0.21
C TYR A 50 -5.63 1.16 -1.50
N CYS A 51 -6.13 0.52 -2.52
CA CYS A 51 -5.40 0.49 -3.83
C CYS A 51 -5.82 1.74 -4.60
N CYS A 52 -4.95 2.68 -4.77
CA CYS A 52 -5.36 3.90 -5.52
C CYS A 52 -4.43 4.13 -6.69
N GLU A 53 -4.98 4.47 -7.83
CA GLU A 53 -4.10 4.73 -9.00
C GLU A 53 -3.64 6.19 -8.96
N SER A 54 -3.26 6.65 -7.79
CA SER A 54 -2.79 8.05 -7.65
C SER A 54 -1.49 8.05 -6.84
N ASP A 55 -0.64 9.00 -7.06
CA ASP A 55 0.64 9.03 -6.32
C ASP A 55 0.39 9.34 -4.85
N LYS A 56 1.31 8.96 -4.01
CA LYS A 56 1.17 9.22 -2.54
C LYS A 56 -0.28 9.00 -2.07
N CYS A 57 -1.06 8.20 -2.75
CA CYS A 57 -2.46 7.97 -2.29
C CYS A 57 -2.44 7.49 -0.83
N ASN A 58 -1.53 6.60 -0.52
CA ASN A 58 -1.47 6.03 0.85
C ASN A 58 -0.70 6.96 1.80
N LEU A 59 -0.71 8.24 1.56
CA LEU A 59 0.01 9.17 2.47
C LEU A 59 -1.01 10.06 3.19
N ARG A 1 4.45 4.73 -10.95
CA ARG A 1 4.93 6.11 -10.62
C ARG A 1 5.47 6.14 -9.18
N ILE A 2 4.86 6.88 -8.27
CA ILE A 2 5.41 6.89 -6.86
C ILE A 2 4.29 6.75 -5.84
N CYS A 3 4.44 5.83 -4.94
CA CYS A 3 3.43 5.69 -3.87
C CYS A 3 4.15 5.62 -2.52
N TYR A 4 3.45 5.51 -1.42
CA TYR A 4 4.17 5.43 -0.12
C TYR A 4 4.62 3.99 0.10
N ASN A 5 5.74 3.82 0.73
CA ASN A 5 6.25 2.46 1.01
C ASN A 5 6.20 2.25 2.51
N HIS A 6 6.19 3.33 3.25
CA HIS A 6 6.16 3.22 4.73
C HIS A 6 4.99 2.35 5.20
N LEU A 7 5.27 1.38 6.03
CA LEU A 7 4.20 0.50 6.55
C LEU A 7 3.89 0.87 7.99
N GLY A 8 2.78 0.41 8.51
CA GLY A 8 2.41 0.71 9.92
C GLY A 8 2.74 2.16 10.26
N THR A 9 3.24 2.41 11.44
CA THR A 9 3.59 3.81 11.83
C THR A 9 5.09 3.92 12.09
N LYS A 10 5.83 2.89 11.80
CA LYS A 10 7.31 2.94 12.02
C LYS A 10 7.88 4.17 11.28
N PRO A 11 9.19 4.27 11.20
CA PRO A 11 9.87 5.42 10.53
C PRO A 11 10.22 5.22 9.02
N PRO A 12 9.51 4.41 8.25
CA PRO A 12 9.82 4.24 6.82
C PRO A 12 9.32 5.44 6.00
N THR A 13 9.41 5.40 4.70
CA THR A 13 8.95 6.57 3.88
C THR A 13 8.31 6.14 2.56
N THR A 14 8.27 7.03 1.60
CA THR A 14 7.68 6.72 0.27
C THR A 14 8.70 5.97 -0.59
N GLU A 15 8.25 5.36 -1.64
CA GLU A 15 9.18 4.63 -2.55
C GLU A 15 8.55 4.57 -3.94
N THR A 16 9.30 4.88 -4.95
CA THR A 16 8.75 4.84 -6.33
C THR A 16 8.61 3.39 -6.78
N CYS A 17 7.63 3.12 -7.60
CA CYS A 17 7.44 1.73 -8.10
C CYS A 17 7.04 1.78 -9.57
N GLN A 18 6.65 0.66 -10.13
CA GLN A 18 6.25 0.65 -11.56
C GLN A 18 4.74 0.83 -11.68
N GLU A 19 4.01 0.15 -10.85
CA GLU A 19 2.53 0.25 -10.95
C GLU A 19 2.08 1.66 -10.59
N ASP A 20 1.20 2.21 -11.36
CA ASP A 20 0.70 3.57 -11.05
C ASP A 20 -0.41 3.43 -10.03
N SER A 21 -0.68 2.22 -9.61
CA SER A 21 -1.73 2.02 -8.58
C SER A 21 -1.09 2.26 -7.22
N CYS A 22 -1.86 2.29 -6.18
CA CYS A 22 -1.30 2.52 -4.83
C CYS A 22 -1.92 1.49 -3.90
N TYR A 23 -1.16 0.68 -3.23
CA TYR A 23 -1.82 -0.31 -2.34
C TYR A 23 -1.48 -0.05 -0.88
N LYS A 24 -2.49 0.14 -0.12
CA LYS A 24 -2.32 0.37 1.34
C LYS A 24 -3.33 -0.53 2.04
N ASN A 25 -2.85 -1.40 2.85
CA ASN A 25 -3.77 -2.38 3.51
C ASN A 25 -3.40 -2.58 4.98
N ILE A 26 -4.20 -3.33 5.68
CA ILE A 26 -3.92 -3.59 7.12
C ILE A 26 -3.50 -5.06 7.28
N TRP A 27 -3.46 -5.80 6.21
CA TRP A 27 -3.06 -7.24 6.30
C TRP A 27 -1.54 -7.36 6.34
N THR A 28 -0.97 -7.35 7.51
CA THR A 28 0.51 -7.46 7.60
C THR A 28 0.88 -7.96 9.00
N PHE A 29 1.57 -9.07 9.08
CA PHE A 29 1.96 -9.60 10.43
C PHE A 29 3.26 -8.97 10.88
N ASP A 30 4.29 -9.05 10.06
CA ASP A 30 5.59 -8.45 10.44
C ASP A 30 5.37 -7.08 11.07
N ASN A 31 4.31 -6.41 10.69
CA ASN A 31 4.03 -5.07 11.27
C ASN A 31 2.51 -4.89 11.43
N ILE A 32 1.90 -4.03 10.65
CA ILE A 32 0.44 -3.84 10.78
C ILE A 32 -0.13 -3.32 9.45
N ILE A 33 0.23 -2.11 9.08
CA ILE A 33 -0.28 -1.56 7.79
C ILE A 33 0.85 -1.54 6.77
N ARG A 34 0.53 -1.48 5.51
CA ARG A 34 1.62 -1.43 4.48
C ARG A 34 1.20 -0.58 3.31
N ARG A 35 1.89 0.50 3.09
CA ARG A 35 1.56 1.38 1.94
C ARG A 35 2.60 1.18 0.84
N GLY A 36 2.16 0.93 -0.37
CA GLY A 36 3.13 0.72 -1.49
C GLY A 36 2.48 1.13 -2.82
N CYS A 37 2.97 0.62 -3.91
CA CYS A 37 2.40 0.99 -5.24
C CYS A 37 1.75 -0.22 -5.91
N GLY A 38 0.51 -0.10 -6.32
CA GLY A 38 -0.19 -1.23 -6.96
C GLY A 38 -1.36 -1.61 -6.08
N CYS A 39 -1.74 -2.85 -6.10
CA CYS A 39 -2.86 -3.30 -5.23
C CYS A 39 -2.29 -4.31 -4.23
N PHE A 40 -3.02 -4.63 -3.22
CA PHE A 40 -2.51 -5.61 -2.21
C PHE A 40 -2.37 -6.97 -2.88
N THR A 41 -1.93 -7.96 -2.15
CA THR A 41 -1.74 -9.31 -2.77
C THR A 41 -2.99 -10.19 -2.65
N PRO A 42 -3.58 -10.26 -1.48
CA PRO A 42 -4.75 -11.11 -1.26
C PRO A 42 -6.03 -10.38 -1.65
N ARG A 43 -6.02 -9.69 -2.74
CA ARG A 43 -7.24 -8.95 -3.17
C ARG A 43 -8.40 -9.94 -3.22
N GLY A 44 -9.52 -9.60 -2.64
CA GLY A 44 -10.67 -10.52 -2.67
C GLY A 44 -11.81 -9.95 -1.84
N ASP A 45 -12.75 -10.78 -1.44
CA ASP A 45 -13.89 -10.28 -0.64
C ASP A 45 -13.59 -10.46 0.86
N MET A 46 -12.73 -11.37 1.21
CA MET A 46 -12.41 -11.58 2.66
C MET A 46 -11.73 -10.33 3.21
N PRO A 47 -10.66 -9.93 2.56
CA PRO A 47 -9.90 -8.74 2.97
C PRO A 47 -10.57 -7.48 2.41
N GLY A 48 -10.27 -6.33 2.97
CA GLY A 48 -10.91 -5.09 2.46
C GLY A 48 -9.91 -3.93 2.47
N PRO A 49 -8.75 -4.16 1.90
CA PRO A 49 -7.70 -3.12 1.84
C PRO A 49 -8.02 -2.14 0.69
N TYR A 50 -7.12 -1.26 0.34
CA TYR A 50 -7.44 -0.29 -0.74
C TYR A 50 -6.33 -0.18 -1.80
N CYS A 51 -6.73 -0.05 -3.04
CA CYS A 51 -5.77 0.14 -4.16
C CYS A 51 -6.17 1.47 -4.81
N CYS A 52 -5.23 2.27 -5.18
CA CYS A 52 -5.57 3.58 -5.79
C CYS A 52 -4.73 3.79 -7.04
N GLU A 53 -5.09 4.72 -7.86
CA GLU A 53 -4.29 4.96 -9.09
C GLU A 53 -3.77 6.39 -9.08
N SER A 54 -2.96 6.71 -8.10
CA SER A 54 -2.39 8.08 -8.01
C SER A 54 -1.10 8.01 -7.18
N ASP A 55 -0.19 8.93 -7.38
CA ASP A 55 1.06 8.86 -6.58
C ASP A 55 0.74 9.18 -5.11
N LYS A 56 1.58 8.76 -4.22
CA LYS A 56 1.35 9.03 -2.77
C LYS A 56 -0.15 8.84 -2.44
N CYS A 57 -0.81 7.91 -3.08
CA CYS A 57 -2.27 7.71 -2.80
C CYS A 57 -2.51 6.86 -1.54
N ASN A 58 -1.57 6.04 -1.10
CA ASN A 58 -1.82 5.20 0.12
C ASN A 58 -2.56 6.02 1.17
N LEU A 59 -2.30 7.30 1.21
CA LEU A 59 -2.98 8.14 2.22
C LEU A 59 -3.59 9.37 1.53
N ARG A 1 4.64 5.40 -11.51
CA ARG A 1 3.94 6.33 -10.57
C ARG A 1 4.71 6.37 -9.24
N ILE A 2 4.09 6.85 -8.19
CA ILE A 2 4.79 6.90 -6.88
C ILE A 2 3.86 6.49 -5.76
N CYS A 3 4.28 5.57 -4.95
CA CYS A 3 3.39 5.19 -3.81
C CYS A 3 4.22 5.06 -2.54
N TYR A 4 3.59 4.94 -1.41
CA TYR A 4 4.37 4.82 -0.14
C TYR A 4 4.83 3.38 0.02
N ASN A 5 5.98 3.18 0.61
CA ASN A 5 6.51 1.80 0.77
C ASN A 5 6.62 1.38 2.25
N HIS A 6 6.86 2.29 3.15
CA HIS A 6 7.04 1.83 4.58
C HIS A 6 5.71 1.40 5.21
N LEU A 7 5.80 0.57 6.20
CA LEU A 7 4.58 0.00 6.85
C LEU A 7 4.05 0.89 7.98
N GLY A 8 2.84 0.58 8.40
CA GLY A 8 2.18 1.32 9.51
C GLY A 8 1.66 2.68 9.03
N THR A 9 1.10 3.45 9.92
CA THR A 9 0.56 4.78 9.52
C THR A 9 1.63 5.86 9.67
N LYS A 10 2.63 5.62 10.47
CA LYS A 10 3.71 6.64 10.64
C LYS A 10 4.14 7.08 9.23
N PRO A 11 4.99 8.08 9.16
CA PRO A 11 5.47 8.61 7.87
C PRO A 11 6.48 7.65 7.25
N PRO A 12 6.07 6.98 6.20
CA PRO A 12 6.91 5.99 5.51
C PRO A 12 7.79 6.65 4.46
N THR A 13 8.47 5.87 3.65
CA THR A 13 9.33 6.47 2.60
C THR A 13 8.70 6.16 1.25
N THR A 14 8.29 7.15 0.52
CA THR A 14 7.65 6.88 -0.79
C THR A 14 8.54 5.98 -1.61
N GLU A 15 7.95 5.24 -2.49
CA GLU A 15 8.72 4.31 -3.36
C GLU A 15 8.13 4.38 -4.77
N THR A 16 8.87 4.92 -5.69
CA THR A 16 8.34 5.04 -7.07
C THR A 16 8.17 3.66 -7.69
N CYS A 17 7.05 3.42 -8.31
CA CYS A 17 6.80 2.11 -8.96
C CYS A 17 6.15 2.36 -10.31
N GLN A 18 5.92 1.33 -11.08
CA GLN A 18 5.27 1.55 -12.40
C GLN A 18 3.77 1.52 -12.23
N GLU A 19 3.30 0.66 -11.38
CA GLU A 19 1.83 0.58 -11.19
C GLU A 19 1.35 1.89 -10.58
N ASP A 20 0.38 2.50 -11.18
CA ASP A 20 -0.13 3.78 -10.63
C ASP A 20 -0.98 3.48 -9.41
N SER A 21 -1.30 2.24 -9.20
CA SER A 21 -2.12 1.88 -8.02
C SER A 21 -1.20 1.80 -6.80
N CYS A 22 -1.64 2.29 -5.67
CA CYS A 22 -0.79 2.22 -4.46
C CYS A 22 -1.56 1.36 -3.46
N TYR A 23 -1.01 0.26 -3.07
CA TYR A 23 -1.77 -0.60 -2.13
C TYR A 23 -1.21 -0.51 -0.74
N LYS A 24 -2.09 -0.24 0.17
CA LYS A 24 -1.71 -0.15 1.61
C LYS A 24 -2.67 -1.05 2.36
N ASN A 25 -2.18 -2.14 2.88
CA ASN A 25 -3.07 -3.11 3.56
C ASN A 25 -2.70 -3.25 5.04
N ILE A 26 -3.57 -3.87 5.81
CA ILE A 26 -3.31 -4.03 7.27
C ILE A 26 -3.00 -5.49 7.59
N TRP A 27 -3.63 -6.41 6.90
CA TRP A 27 -3.35 -7.86 7.17
C TRP A 27 -1.95 -8.20 6.69
N THR A 28 -1.11 -8.69 7.55
CA THR A 28 0.27 -9.03 7.11
C THR A 28 0.90 -10.03 8.08
N PHE A 29 2.15 -9.85 8.43
CA PHE A 29 2.82 -10.81 9.35
C PHE A 29 1.98 -10.99 10.61
N ASP A 30 1.74 -9.94 11.34
CA ASP A 30 0.94 -10.08 12.58
C ASP A 30 -0.12 -8.98 12.64
N ASN A 31 0.29 -7.78 12.93
CA ASN A 31 -0.72 -6.68 13.02
C ASN A 31 -0.08 -5.33 12.68
N ILE A 32 0.10 -5.04 11.42
CA ILE A 32 0.69 -3.72 11.03
C ILE A 32 0.15 -3.31 9.66
N ILE A 33 0.62 -2.21 9.12
CA ILE A 33 0.11 -1.77 7.79
C ILE A 33 1.26 -1.71 6.80
N ARG A 34 1.01 -1.87 5.53
CA ARG A 34 2.13 -1.77 4.56
C ARG A 34 1.72 -0.99 3.33
N ARG A 35 2.26 0.19 3.21
CA ARG A 35 1.96 1.05 2.04
C ARG A 35 2.89 0.65 0.91
N GLY A 36 2.36 0.24 -0.20
CA GLY A 36 3.23 -0.17 -1.34
C GLY A 36 2.67 0.37 -2.67
N CYS A 37 3.05 -0.23 -3.75
CA CYS A 37 2.56 0.22 -5.09
C CYS A 37 1.98 -0.98 -5.83
N GLY A 38 0.76 -0.90 -6.28
CA GLY A 38 0.16 -2.05 -6.97
C GLY A 38 -0.62 -2.82 -5.91
N CYS A 39 -1.70 -3.42 -6.28
CA CYS A 39 -2.50 -4.13 -5.25
C CYS A 39 -1.74 -5.32 -4.67
N PHE A 40 -2.14 -5.69 -3.50
CA PHE A 40 -1.51 -6.84 -2.78
C PHE A 40 -1.79 -8.13 -3.56
N THR A 41 -1.16 -9.21 -3.18
CA THR A 41 -1.34 -10.49 -3.92
C THR A 41 -2.74 -11.11 -3.69
N PRO A 42 -3.15 -11.18 -2.45
CA PRO A 42 -4.44 -11.79 -2.09
C PRO A 42 -5.61 -10.83 -2.38
N ARG A 43 -5.60 -10.20 -3.51
CA ARG A 43 -6.72 -9.26 -3.86
C ARG A 43 -8.05 -9.98 -3.68
N GLY A 44 -9.08 -9.24 -3.36
CA GLY A 44 -10.40 -9.86 -3.17
C GLY A 44 -11.32 -8.90 -2.42
N ASP A 45 -12.51 -9.32 -2.11
CA ASP A 45 -13.46 -8.44 -1.38
C ASP A 45 -13.24 -8.57 0.14
N MET A 46 -12.90 -9.75 0.58
CA MET A 46 -12.67 -9.95 2.05
C MET A 46 -11.82 -8.81 2.62
N PRO A 47 -10.71 -8.54 1.97
CA PRO A 47 -9.77 -7.49 2.39
C PRO A 47 -10.26 -6.11 1.95
N GLY A 48 -9.94 -5.11 2.73
CA GLY A 48 -10.34 -3.73 2.40
C GLY A 48 -9.15 -2.80 2.63
N PRO A 49 -8.11 -3.04 1.87
CA PRO A 49 -6.86 -2.26 1.95
C PRO A 49 -7.00 -0.91 1.24
N TYR A 50 -5.91 -0.32 0.84
CA TYR A 50 -6.00 1.00 0.15
C TYR A 50 -5.37 0.95 -1.24
N CYS A 51 -6.00 0.27 -2.16
CA CYS A 51 -5.47 0.21 -3.55
C CYS A 51 -5.96 1.45 -4.31
N CYS A 52 -5.08 2.33 -4.68
CA CYS A 52 -5.55 3.56 -5.41
C CYS A 52 -4.56 3.92 -6.52
N GLU A 53 -5.05 4.36 -7.63
CA GLU A 53 -4.15 4.76 -8.74
C GLU A 53 -3.66 6.19 -8.53
N SER A 54 -3.59 6.63 -7.29
CA SER A 54 -3.10 8.00 -7.01
C SER A 54 -1.72 7.89 -6.35
N ASP A 55 -0.80 8.74 -6.70
CA ASP A 55 0.54 8.64 -6.09
C ASP A 55 0.47 9.01 -4.61
N LYS A 56 1.32 8.42 -3.82
CA LYS A 56 1.33 8.74 -2.36
C LYS A 56 -0.08 8.56 -1.79
N CYS A 57 -0.86 7.64 -2.33
CA CYS A 57 -2.23 7.45 -1.79
C CYS A 57 -2.18 6.65 -0.49
N ASN A 58 -1.16 5.86 -0.29
CA ASN A 58 -1.12 5.06 0.97
C ASN A 58 -0.37 5.82 2.07
N LEU A 59 -0.93 6.91 2.52
CA LEU A 59 -0.28 7.70 3.60
C LEU A 59 -1.28 7.94 4.73
N ARG A 1 5.43 4.41 -11.10
CA ARG A 1 4.87 5.57 -10.37
C ARG A 1 5.51 5.66 -8.99
N ILE A 2 4.95 6.44 -8.09
CA ILE A 2 5.55 6.55 -6.72
C ILE A 2 4.52 6.25 -5.65
N CYS A 3 4.70 5.18 -4.93
CA CYS A 3 3.72 4.91 -3.85
C CYS A 3 4.43 4.76 -2.51
N TYR A 4 3.70 4.85 -1.43
CA TYR A 4 4.34 4.72 -0.09
C TYR A 4 4.67 3.25 0.17
N ASN A 5 5.78 2.98 0.81
CA ASN A 5 6.17 1.56 1.04
C ASN A 5 6.15 1.19 2.54
N HIS A 6 6.26 2.14 3.45
CA HIS A 6 6.30 1.73 4.88
C HIS A 6 4.95 1.22 5.37
N LEU A 7 4.95 0.70 6.55
CA LEU A 7 3.69 0.15 7.14
C LEU A 7 3.17 1.09 8.23
N GLY A 8 2.16 0.63 8.93
CA GLY A 8 1.51 1.39 10.06
C GLY A 8 2.13 2.78 10.32
N THR A 9 3.41 2.85 10.60
CA THR A 9 4.02 4.18 10.88
C THR A 9 3.51 5.20 9.87
N LYS A 10 2.91 6.26 10.36
CA LYS A 10 2.35 7.29 9.46
C LYS A 10 3.36 7.66 8.36
N PRO A 11 4.49 8.17 8.77
CA PRO A 11 5.58 8.58 7.85
C PRO A 11 6.36 7.35 7.38
N PRO A 12 6.08 6.92 6.17
CA PRO A 12 6.70 5.73 5.60
C PRO A 12 7.89 6.13 4.71
N THR A 13 8.27 5.25 3.82
CA THR A 13 9.37 5.58 2.87
C THR A 13 8.82 5.31 1.49
N THR A 14 8.57 6.32 0.72
CA THR A 14 8.00 6.08 -0.63
C THR A 14 8.77 4.97 -1.33
N GLU A 15 8.15 4.38 -2.31
CA GLU A 15 8.82 3.29 -3.07
C GLU A 15 8.32 3.34 -4.51
N THR A 16 9.15 3.80 -5.40
CA THR A 16 8.73 3.91 -6.82
C THR A 16 8.50 2.51 -7.40
N CYS A 17 7.40 2.33 -8.06
CA CYS A 17 7.10 1.01 -8.68
C CYS A 17 6.52 1.27 -10.07
N GLN A 18 5.98 0.28 -10.70
CA GLN A 18 5.39 0.51 -12.05
C GLN A 18 3.91 0.79 -11.91
N GLU A 19 3.27 0.08 -11.03
CA GLU A 19 1.81 0.28 -10.88
C GLU A 19 1.55 1.69 -10.37
N ASP A 20 0.73 2.42 -11.07
CA ASP A 20 0.41 3.81 -10.59
C ASP A 20 -0.49 3.70 -9.38
N SER A 21 -0.96 2.52 -9.10
CA SER A 21 -1.83 2.34 -7.91
C SER A 21 -0.95 2.19 -6.68
N CYS A 22 -1.50 2.30 -5.51
CA CYS A 22 -0.70 2.15 -4.27
C CYS A 22 -1.54 1.36 -3.27
N TYR A 23 -0.99 0.37 -2.62
CA TYR A 23 -1.86 -0.39 -1.68
C TYR A 23 -1.53 -0.04 -0.25
N LYS A 24 -2.56 0.15 0.52
CA LYS A 24 -2.39 0.44 1.96
C LYS A 24 -3.45 -0.38 2.66
N ASN A 25 -3.08 -1.54 3.11
CA ASN A 25 -4.07 -2.44 3.75
C ASN A 25 -4.03 -2.28 5.26
N ILE A 26 -5.09 -2.60 5.92
CA ILE A 26 -5.13 -2.46 7.41
C ILE A 26 -4.42 -3.64 8.06
N TRP A 27 -4.35 -4.75 7.39
CA TRP A 27 -3.64 -5.92 7.98
C TRP A 27 -2.46 -6.30 7.10
N THR A 28 -1.63 -7.20 7.57
CA THR A 28 -0.45 -7.61 6.78
C THR A 28 0.04 -8.98 7.28
N PHE A 29 0.93 -9.60 6.56
CA PHE A 29 1.44 -10.93 7.01
C PHE A 29 1.85 -10.84 8.48
N ASP A 30 2.67 -9.87 8.82
CA ASP A 30 3.11 -9.74 10.24
C ASP A 30 2.94 -8.30 10.73
N ASN A 31 2.70 -7.38 9.84
CA ASN A 31 2.53 -5.96 10.26
C ASN A 31 1.04 -5.61 10.29
N ILE A 32 0.71 -4.36 10.55
CA ILE A 32 -0.73 -3.97 10.59
C ILE A 32 -1.09 -3.25 9.29
N ILE A 33 -0.68 -2.01 9.14
CA ILE A 33 -1.00 -1.27 7.88
C ILE A 33 0.22 -1.27 6.97
N ARG A 34 0.02 -1.36 5.69
CA ARG A 34 1.21 -1.34 4.79
C ARG A 34 0.94 -0.64 3.47
N ARG A 35 1.58 0.47 3.30
CA ARG A 35 1.46 1.27 2.05
C ARG A 35 2.43 0.70 1.02
N GLY A 36 1.96 0.39 -0.15
CA GLY A 36 2.86 -0.17 -1.20
C GLY A 36 2.48 0.40 -2.57
N CYS A 37 2.83 -0.30 -3.61
CA CYS A 37 2.50 0.17 -4.99
C CYS A 37 1.63 -0.88 -5.70
N GLY A 38 0.42 -0.54 -6.05
CA GLY A 38 -0.46 -1.54 -6.70
C GLY A 38 -1.11 -2.36 -5.60
N CYS A 39 -2.25 -2.94 -5.82
CA CYS A 39 -2.86 -3.71 -4.71
C CYS A 39 -1.92 -4.86 -4.35
N PHE A 40 -1.99 -5.36 -3.14
CA PHE A 40 -1.06 -6.46 -2.75
C PHE A 40 -1.35 -7.72 -3.56
N THR A 41 -0.47 -8.68 -3.48
CA THR A 41 -0.65 -9.94 -4.29
C THR A 41 -1.73 -10.85 -3.70
N PRO A 42 -1.72 -11.04 -2.41
CA PRO A 42 -2.68 -11.92 -1.72
C PRO A 42 -4.00 -11.20 -1.48
N ARG A 43 -4.51 -10.54 -2.49
CA ARG A 43 -5.80 -9.81 -2.32
C ARG A 43 -6.96 -10.81 -2.20
N GLY A 44 -8.15 -10.39 -2.52
CA GLY A 44 -9.31 -11.30 -2.42
C GLY A 44 -10.53 -10.52 -1.95
N ASP A 45 -11.65 -11.18 -1.77
CA ASP A 45 -12.87 -10.47 -1.31
C ASP A 45 -12.88 -10.43 0.22
N MET A 46 -11.96 -11.09 0.85
CA MET A 46 -11.92 -11.09 2.34
C MET A 46 -11.27 -9.80 2.85
N PRO A 47 -10.11 -9.49 2.31
CA PRO A 47 -9.35 -8.29 2.68
C PRO A 47 -9.90 -7.06 1.96
N GLY A 48 -9.77 -5.93 2.59
CA GLY A 48 -10.25 -4.67 1.98
C GLY A 48 -9.20 -3.59 2.24
N PRO A 49 -8.11 -3.70 1.53
CA PRO A 49 -6.99 -2.75 1.65
C PRO A 49 -7.36 -1.37 1.12
N TYR A 50 -6.37 -0.56 0.86
CA TYR A 50 -6.63 0.80 0.33
C TYR A 50 -5.84 0.99 -0.96
N CYS A 51 -6.23 0.31 -2.01
CA CYS A 51 -5.51 0.48 -3.30
C CYS A 51 -5.90 1.84 -3.86
N CYS A 52 -4.94 2.65 -4.14
CA CYS A 52 -5.27 4.00 -4.68
C CYS A 52 -4.51 4.18 -5.98
N GLU A 53 -4.94 5.10 -6.79
CA GLU A 53 -4.25 5.33 -8.08
C GLU A 53 -3.68 6.75 -8.11
N SER A 54 -2.75 7.01 -7.23
CA SER A 54 -2.10 8.35 -7.17
C SER A 54 -0.78 8.18 -6.43
N ASP A 55 0.18 9.02 -6.70
CA ASP A 55 1.48 8.87 -5.99
C ASP A 55 1.28 9.20 -4.51
N LYS A 56 2.10 8.63 -3.66
CA LYS A 56 1.97 8.90 -2.20
C LYS A 56 0.49 8.98 -1.82
N CYS A 57 -0.34 8.19 -2.46
CA CYS A 57 -1.79 8.24 -2.15
C CYS A 57 -2.11 7.38 -0.92
N ASN A 58 -1.21 6.55 -0.48
CA ASN A 58 -1.50 5.70 0.69
C ASN A 58 -0.88 6.31 1.96
N LEU A 59 -1.25 7.49 2.30
CA LEU A 59 -0.70 8.11 3.55
C LEU A 59 -1.84 8.38 4.53
N ARG A 1 4.42 4.61 -10.03
CA ARG A 1 4.94 5.96 -9.74
C ARG A 1 5.50 6.00 -8.32
N ILE A 2 5.32 7.08 -7.61
CA ILE A 2 5.82 7.13 -6.22
C ILE A 2 4.70 6.77 -5.27
N CYS A 3 4.61 5.54 -4.88
CA CYS A 3 3.53 5.18 -3.94
C CYS A 3 4.13 5.06 -2.54
N TYR A 4 3.33 4.89 -1.54
CA TYR A 4 3.90 4.76 -0.17
C TYR A 4 4.39 3.33 0.03
N ASN A 5 5.52 3.17 0.65
CA ASN A 5 6.06 1.83 0.89
C ASN A 5 6.04 1.59 2.40
N HIS A 6 6.15 2.64 3.14
CA HIS A 6 6.17 2.51 4.62
C HIS A 6 4.96 1.69 5.07
N LEU A 7 5.17 0.76 5.95
CA LEU A 7 4.02 -0.05 6.44
C LEU A 7 3.62 0.44 7.82
N GLY A 8 2.34 0.52 8.08
CA GLY A 8 1.88 0.99 9.41
C GLY A 8 1.45 2.46 9.32
N THR A 9 1.86 3.25 10.27
CA THR A 9 1.47 4.67 10.27
C THR A 9 2.55 5.52 9.60
N LYS A 10 3.42 6.12 10.38
CA LYS A 10 4.47 6.98 9.77
C LYS A 10 5.93 6.54 10.08
N PRO A 11 6.18 5.32 10.49
CA PRO A 11 7.57 4.90 10.78
C PRO A 11 8.46 4.87 9.50
N PRO A 12 8.26 3.93 8.62
CA PRO A 12 9.02 3.84 7.36
C PRO A 12 8.69 4.99 6.40
N THR A 13 8.95 4.86 5.11
CA THR A 13 8.67 6.02 4.20
C THR A 13 8.09 5.57 2.84
N THR A 14 8.01 6.50 1.90
CA THR A 14 7.45 6.20 0.55
C THR A 14 8.50 5.51 -0.33
N GLU A 15 8.10 5.12 -1.52
CA GLU A 15 9.04 4.46 -2.48
C GLU A 15 8.54 4.70 -3.90
N THR A 16 9.27 4.26 -4.90
CA THR A 16 8.82 4.46 -6.31
C THR A 16 8.54 3.11 -6.95
N CYS A 17 7.50 3.02 -7.73
CA CYS A 17 7.15 1.72 -8.37
C CYS A 17 6.66 1.94 -9.80
N GLN A 18 6.27 0.88 -10.46
CA GLN A 18 5.77 1.01 -11.85
C GLN A 18 4.25 1.08 -11.87
N GLU A 19 3.61 0.29 -11.07
CA GLU A 19 2.11 0.28 -11.08
C GLU A 19 1.61 1.64 -10.62
N ASP A 20 0.77 2.25 -11.39
CA ASP A 20 0.24 3.59 -10.98
C ASP A 20 -0.61 3.41 -9.74
N SER A 21 -0.94 2.19 -9.43
CA SER A 21 -1.78 1.95 -8.23
C SER A 21 -0.90 1.90 -6.98
N CYS A 22 -1.47 2.08 -5.83
CA CYS A 22 -0.68 2.01 -4.57
C CYS A 22 -1.55 1.23 -3.57
N TYR A 23 -1.09 0.14 -3.05
CA TYR A 23 -1.97 -0.61 -2.12
C TYR A 23 -1.55 -0.46 -0.67
N LYS A 24 -2.51 -0.30 0.16
CA LYS A 24 -2.25 -0.16 1.61
C LYS A 24 -3.29 -0.98 2.37
N ASN A 25 -2.85 -2.05 2.96
CA ASN A 25 -3.78 -2.95 3.69
C ASN A 25 -3.32 -3.09 5.14
N ILE A 26 -4.13 -3.71 5.95
CA ILE A 26 -3.75 -3.90 7.38
C ILE A 26 -3.17 -5.31 7.56
N TRP A 27 -3.31 -6.15 6.58
CA TRP A 27 -2.78 -7.53 6.68
C TRP A 27 -1.27 -7.51 6.43
N THR A 28 -0.48 -7.78 7.44
CA THR A 28 0.99 -7.76 7.24
C THR A 28 1.67 -8.60 8.34
N PHE A 29 2.59 -9.44 7.97
CA PHE A 29 3.28 -10.29 8.99
C PHE A 29 4.51 -9.53 9.50
N ASP A 30 4.59 -8.25 9.25
CA ASP A 30 5.77 -7.48 9.73
C ASP A 30 5.34 -6.55 10.87
N ASN A 31 4.49 -5.60 10.60
CA ASN A 31 4.04 -4.68 11.68
C ASN A 31 2.52 -4.60 11.69
N ILE A 32 1.93 -3.91 10.75
CA ILE A 32 0.45 -3.80 10.72
C ILE A 32 -0.02 -3.43 9.30
N ILE A 33 0.01 -2.17 8.98
CA ILE A 33 -0.44 -1.74 7.62
C ILE A 33 0.74 -1.73 6.66
N ARG A 34 0.49 -1.81 5.39
CA ARG A 34 1.63 -1.77 4.43
C ARG A 34 1.23 -1.07 3.13
N ARG A 35 1.80 0.08 2.90
CA ARG A 35 1.51 0.83 1.65
C ARG A 35 2.51 0.41 0.59
N GLY A 36 2.09 0.28 -0.63
CA GLY A 36 3.03 -0.13 -1.70
C GLY A 36 2.53 0.33 -3.07
N CYS A 37 2.87 -0.41 -4.08
CA CYS A 37 2.45 -0.01 -5.46
C CYS A 37 1.67 -1.15 -6.10
N GLY A 38 0.43 -0.92 -6.42
CA GLY A 38 -0.37 -1.99 -7.05
C GLY A 38 -1.15 -2.70 -5.97
N CYS A 39 -2.34 -3.10 -6.28
CA CYS A 39 -3.17 -3.81 -5.26
C CYS A 39 -2.45 -5.09 -4.87
N PHE A 40 -2.69 -5.58 -3.68
CA PHE A 40 -2.00 -6.83 -3.26
C PHE A 40 -2.46 -8.00 -4.14
N THR A 41 -1.83 -9.14 -4.02
CA THR A 41 -2.20 -10.30 -4.90
C THR A 41 -3.47 -11.03 -4.39
N PRO A 42 -3.54 -11.27 -3.11
CA PRO A 42 -4.68 -11.99 -2.52
C PRO A 42 -5.87 -11.06 -2.28
N ARG A 43 -6.23 -10.27 -3.25
CA ARG A 43 -7.37 -9.34 -3.07
C ARG A 43 -8.67 -10.13 -2.92
N GLY A 44 -9.78 -9.47 -3.10
CA GLY A 44 -11.09 -10.16 -2.97
C GLY A 44 -12.08 -9.25 -2.25
N ASP A 45 -13.23 -9.76 -1.90
CA ASP A 45 -14.23 -8.91 -1.19
C ASP A 45 -14.05 -9.07 0.32
N MET A 46 -13.08 -9.84 0.73
CA MET A 46 -12.85 -10.03 2.20
C MET A 46 -12.06 -8.84 2.76
N PRO A 47 -10.97 -8.54 2.11
CA PRO A 47 -10.08 -7.43 2.52
C PRO A 47 -10.64 -6.09 2.05
N GLY A 48 -10.30 -5.03 2.74
CA GLY A 48 -10.77 -3.68 2.34
C GLY A 48 -9.61 -2.68 2.51
N PRO A 49 -8.55 -2.92 1.77
CA PRO A 49 -7.35 -2.09 1.82
C PRO A 49 -7.55 -0.79 1.05
N TYR A 50 -6.48 -0.16 0.66
CA TYR A 50 -6.62 1.12 -0.09
C TYR A 50 -5.76 1.11 -1.35
N CYS A 51 -6.25 0.54 -2.43
CA CYS A 51 -5.49 0.57 -3.70
C CYS A 51 -5.83 1.89 -4.37
N CYS A 52 -4.86 2.68 -4.67
CA CYS A 52 -5.16 3.99 -5.32
C CYS A 52 -4.25 4.16 -6.51
N GLU A 53 -4.65 4.97 -7.43
CA GLU A 53 -3.82 5.18 -8.65
C GLU A 53 -3.19 6.57 -8.64
N SER A 54 -2.66 6.99 -7.54
CA SER A 54 -2.02 8.32 -7.47
C SER A 54 -0.69 8.19 -6.73
N ASP A 55 0.25 9.06 -6.98
CA ASP A 55 1.54 8.93 -6.25
C ASP A 55 1.31 9.28 -4.79
N LYS A 56 1.95 8.59 -3.90
CA LYS A 56 1.76 8.88 -2.46
C LYS A 56 0.25 8.93 -2.19
N CYS A 57 -0.50 8.04 -2.79
CA CYS A 57 -1.97 8.05 -2.60
C CYS A 57 -2.39 7.17 -1.41
N ASN A 58 -1.57 6.23 -1.01
CA ASN A 58 -1.96 5.38 0.14
C ASN A 58 -1.45 6.02 1.43
N LEU A 59 -1.87 7.22 1.72
CA LEU A 59 -1.42 7.91 2.96
C LEU A 59 -2.65 8.29 3.80
N ARG A 1 3.91 4.08 -10.51
CA ARG A 1 4.31 5.51 -10.31
C ARG A 1 4.84 5.70 -8.87
N ILE A 2 4.64 6.86 -8.29
CA ILE A 2 5.12 7.08 -6.91
C ILE A 2 4.03 6.66 -5.92
N CYS A 3 4.33 5.80 -5.00
CA CYS A 3 3.30 5.40 -4.03
C CYS A 3 3.83 5.60 -2.60
N TYR A 4 2.98 5.44 -1.62
CA TYR A 4 3.41 5.62 -0.22
C TYR A 4 3.99 4.32 0.32
N ASN A 5 5.07 4.41 1.06
CA ASN A 5 5.72 3.19 1.61
C ASN A 5 5.60 3.19 3.15
N HIS A 6 4.75 4.03 3.71
CA HIS A 6 4.64 4.05 5.20
C HIS A 6 4.08 2.71 5.68
N LEU A 7 4.69 2.17 6.70
CA LEU A 7 4.23 0.86 7.24
C LEU A 7 3.52 1.04 8.60
N GLY A 8 2.43 0.34 8.81
CA GLY A 8 1.67 0.40 10.11
C GLY A 8 1.97 1.70 10.86
N THR A 9 2.58 1.59 12.02
CA THR A 9 2.92 2.79 12.82
C THR A 9 4.42 3.04 12.74
N LYS A 10 4.98 2.89 11.57
CA LYS A 10 6.45 3.10 11.40
C LYS A 10 6.67 4.50 10.80
N PRO A 11 7.90 4.83 10.48
CA PRO A 11 8.19 6.13 9.86
C PRO A 11 7.65 6.10 8.45
N PRO A 12 6.69 6.94 8.18
CA PRO A 12 6.01 6.97 6.88
C PRO A 12 6.90 7.56 5.79
N THR A 13 7.06 6.84 4.71
CA THR A 13 7.89 7.34 3.58
C THR A 13 7.27 6.90 2.26
N THR A 14 7.44 7.66 1.22
CA THR A 14 6.87 7.27 -0.08
C THR A 14 7.89 6.41 -0.84
N GLU A 15 7.50 5.82 -1.91
CA GLU A 15 8.46 4.97 -2.68
C GLU A 15 8.03 4.91 -4.14
N THR A 16 8.94 5.16 -5.04
CA THR A 16 8.57 5.12 -6.49
C THR A 16 8.55 3.67 -6.96
N CYS A 17 7.58 3.32 -7.76
CA CYS A 17 7.50 1.92 -8.26
C CYS A 17 7.07 1.92 -9.72
N GLN A 18 6.81 0.77 -10.28
CA GLN A 18 6.38 0.73 -11.70
C GLN A 18 4.86 0.71 -11.76
N GLU A 19 4.25 -0.14 -11.00
CA GLU A 19 2.77 -0.21 -11.03
C GLU A 19 2.25 1.12 -10.50
N ASP A 20 1.38 1.75 -11.23
CA ASP A 20 0.86 3.06 -10.77
C ASP A 20 -0.09 2.83 -9.60
N SER A 21 -0.34 1.61 -9.25
CA SER A 21 -1.25 1.34 -8.12
C SER A 21 -0.46 1.49 -6.81
N CYS A 22 -1.12 1.88 -5.76
CA CYS A 22 -0.43 2.00 -4.44
C CYS A 22 -1.30 1.24 -3.47
N TYR A 23 -0.80 0.22 -2.86
CA TYR A 23 -1.69 -0.55 -1.95
C TYR A 23 -1.32 -0.35 -0.51
N LYS A 24 -2.32 -0.22 0.28
CA LYS A 24 -2.12 -0.07 1.75
C LYS A 24 -3.17 -0.93 2.44
N ASN A 25 -2.75 -2.04 2.96
CA ASN A 25 -3.72 -2.99 3.59
C ASN A 25 -3.45 -3.07 5.09
N ILE A 26 -4.15 -3.91 5.80
CA ILE A 26 -3.93 -3.99 7.28
C ILE A 26 -3.48 -5.40 7.68
N TRP A 27 -3.61 -6.36 6.81
CA TRP A 27 -3.17 -7.74 7.18
C TRP A 27 -1.71 -7.90 6.80
N THR A 28 -0.87 -8.29 7.72
CA THR A 28 0.57 -8.46 7.40
C THR A 28 1.23 -9.39 8.42
N PHE A 29 2.42 -9.85 8.13
CA PHE A 29 3.12 -10.75 9.08
C PHE A 29 4.28 -10.00 9.74
N ASP A 30 4.49 -8.77 9.35
CA ASP A 30 5.61 -7.99 9.96
C ASP A 30 5.05 -6.98 10.96
N ASN A 31 4.44 -5.93 10.49
CA ASN A 31 3.87 -4.91 11.42
C ASN A 31 2.35 -4.96 11.37
N ILE A 32 1.75 -4.19 10.50
CA ILE A 32 0.27 -4.19 10.40
C ILE A 32 -0.19 -3.61 9.06
N ILE A 33 -0.03 -2.33 8.86
CA ILE A 33 -0.45 -1.72 7.58
C ILE A 33 0.74 -1.70 6.63
N ARG A 34 0.51 -1.80 5.35
CA ARG A 34 1.67 -1.77 4.43
C ARG A 34 1.31 -1.05 3.13
N ARG A 35 1.91 0.08 2.93
CA ARG A 35 1.66 0.88 1.70
C ARG A 35 2.70 0.49 0.64
N GLY A 36 2.31 -0.28 -0.34
CA GLY A 36 3.30 -0.68 -1.38
C GLY A 36 2.83 -0.19 -2.75
N CYS A 37 3.45 -0.68 -3.80
CA CYS A 37 3.05 -0.24 -5.17
C CYS A 37 2.32 -1.39 -5.88
N GLY A 38 1.11 -1.15 -6.31
CA GLY A 38 0.33 -2.22 -6.99
C GLY A 38 -0.74 -2.64 -6.00
N CYS A 39 -1.31 -3.80 -6.17
CA CYS A 39 -2.35 -4.23 -5.19
C CYS A 39 -1.87 -5.47 -4.41
N PHE A 40 -2.57 -5.79 -3.36
CA PHE A 40 -2.20 -6.98 -2.51
C PHE A 40 -2.40 -8.25 -3.34
N THR A 41 -2.15 -9.39 -2.75
CA THR A 41 -2.31 -10.66 -3.52
C THR A 41 -3.73 -11.23 -3.38
N PRO A 42 -4.23 -11.38 -2.16
CA PRO A 42 -5.56 -11.95 -1.92
C PRO A 42 -6.64 -10.86 -1.98
N ARG A 43 -6.67 -10.07 -3.02
CA ARG A 43 -7.71 -9.01 -3.12
C ARG A 43 -9.09 -9.62 -2.93
N GLY A 44 -10.07 -8.79 -2.69
CA GLY A 44 -11.45 -9.31 -2.51
C GLY A 44 -12.28 -8.28 -1.75
N ASP A 45 -13.52 -8.58 -1.47
CA ASP A 45 -14.39 -7.62 -0.74
C ASP A 45 -14.22 -7.83 0.77
N MET A 46 -13.70 -8.96 1.16
CA MET A 46 -13.51 -9.23 2.61
C MET A 46 -12.52 -8.22 3.21
N PRO A 47 -11.39 -8.07 2.57
CA PRO A 47 -10.33 -7.15 3.02
C PRO A 47 -10.67 -5.70 2.63
N GLY A 48 -10.11 -4.75 3.33
CA GLY A 48 -10.39 -3.32 3.01
C GLY A 48 -9.08 -2.54 2.95
N PRO A 49 -8.22 -2.94 2.05
CA PRO A 49 -6.90 -2.30 1.84
C PRO A 49 -7.03 -0.99 1.06
N TYR A 50 -5.95 -0.46 0.57
CA TYR A 50 -6.03 0.81 -0.19
C TYR A 50 -5.24 0.74 -1.51
N CYS A 51 -5.66 -0.07 -2.46
CA CYS A 51 -4.93 -0.08 -3.77
C CYS A 51 -5.51 1.01 -4.64
N CYS A 52 -4.69 1.84 -5.20
CA CYS A 52 -5.18 2.94 -6.07
C CYS A 52 -4.11 3.29 -7.08
N GLU A 53 -4.49 3.66 -8.27
CA GLU A 53 -3.47 4.02 -9.29
C GLU A 53 -3.05 5.48 -9.13
N SER A 54 -3.34 6.08 -8.01
CA SER A 54 -2.93 7.49 -7.80
C SER A 54 -1.56 7.49 -7.10
N ASP A 55 -0.77 8.51 -7.30
CA ASP A 55 0.56 8.52 -6.65
C ASP A 55 0.39 8.69 -5.14
N LYS A 56 1.34 8.21 -4.39
CA LYS A 56 1.28 8.31 -2.90
C LYS A 56 -0.18 8.22 -2.41
N CYS A 57 -1.00 7.42 -3.06
CA CYS A 57 -2.41 7.30 -2.63
C CYS A 57 -2.51 6.52 -1.30
N ASN A 58 -1.49 5.80 -0.92
CA ASN A 58 -1.59 5.03 0.34
C ASN A 58 -1.79 5.96 1.52
N LEU A 59 -1.65 7.23 1.32
CA LEU A 59 -1.84 8.16 2.45
C LEU A 59 -2.84 9.25 2.08
N ARG A 1 3.53 5.17 -10.53
CA ARG A 1 4.62 6.19 -10.56
C ARG A 1 5.31 6.20 -9.19
N ILE A 2 4.77 6.94 -8.24
CA ILE A 2 5.39 6.95 -6.88
C ILE A 2 4.33 6.66 -5.86
N CYS A 3 4.37 5.51 -5.26
CA CYS A 3 3.32 5.22 -4.27
C CYS A 3 3.83 5.44 -2.85
N TYR A 4 3.04 5.13 -1.88
CA TYR A 4 3.47 5.35 -0.47
C TYR A 4 4.01 4.05 0.13
N ASN A 5 5.07 4.14 0.89
CA ASN A 5 5.67 2.93 1.50
C ASN A 5 5.54 2.97 3.03
N HIS A 6 4.82 3.91 3.59
CA HIS A 6 4.69 3.95 5.08
C HIS A 6 4.30 2.56 5.57
N LEU A 7 5.01 2.08 6.55
CA LEU A 7 4.70 0.73 7.11
C LEU A 7 4.07 0.85 8.50
N GLY A 8 2.88 0.34 8.66
CA GLY A 8 2.19 0.38 9.99
C GLY A 8 2.69 1.54 10.86
N THR A 9 3.26 1.24 11.99
CA THR A 9 3.77 2.31 12.90
C THR A 9 5.22 2.65 12.53
N LYS A 10 5.70 2.14 11.43
CA LYS A 10 7.09 2.43 11.00
C LYS A 10 7.13 3.87 10.46
N PRO A 11 8.28 4.30 10.00
CA PRO A 11 8.43 5.67 9.45
C PRO A 11 7.74 5.73 8.09
N PRO A 12 6.99 6.78 7.88
CA PRO A 12 6.23 6.98 6.63
C PRO A 12 7.14 7.40 5.48
N THR A 13 7.20 6.59 4.46
CA THR A 13 8.06 6.95 3.29
C THR A 13 7.37 6.51 2.00
N THR A 14 7.61 7.19 0.92
CA THR A 14 6.99 6.78 -0.37
C THR A 14 7.96 5.87 -1.13
N GLU A 15 7.46 5.12 -2.06
CA GLU A 15 8.35 4.21 -2.84
C GLU A 15 7.99 4.29 -4.32
N THR A 16 8.92 4.65 -5.15
CA THR A 16 8.61 4.75 -6.61
C THR A 16 8.37 3.33 -7.15
N CYS A 17 7.36 3.17 -7.95
CA CYS A 17 7.05 1.82 -8.51
C CYS A 17 6.63 1.93 -9.97
N GLN A 18 6.23 0.82 -10.55
CA GLN A 18 5.78 0.84 -11.96
C GLN A 18 4.27 0.99 -12.03
N GLU A 19 3.57 0.27 -11.21
CA GLU A 19 2.09 0.36 -11.24
C GLU A 19 1.69 1.76 -10.78
N ASP A 20 0.89 2.43 -11.54
CA ASP A 20 0.46 3.81 -11.14
C ASP A 20 -0.49 3.71 -9.96
N SER A 21 -1.00 2.53 -9.71
CA SER A 21 -1.91 2.36 -8.56
C SER A 21 -1.07 2.16 -7.30
N CYS A 22 -1.66 2.31 -6.14
CA CYS A 22 -0.87 2.12 -4.90
C CYS A 22 -1.73 1.32 -3.93
N TYR A 23 -1.20 0.26 -3.39
CA TYR A 23 -2.04 -0.56 -2.48
C TYR A 23 -1.55 -0.49 -1.06
N LYS A 24 -2.46 -0.18 -0.19
CA LYS A 24 -2.12 -0.12 1.26
C LYS A 24 -3.06 -1.08 1.98
N ASN A 25 -2.52 -2.15 2.49
CA ASN A 25 -3.36 -3.19 3.15
C ASN A 25 -3.03 -3.30 4.63
N ILE A 26 -3.78 -4.10 5.37
CA ILE A 26 -3.54 -4.26 6.83
C ILE A 26 -4.20 -5.56 7.31
N TRP A 27 -3.42 -6.48 7.79
CA TRP A 27 -4.00 -7.76 8.32
C TRP A 27 -3.20 -8.25 9.52
N THR A 28 -1.92 -8.44 9.38
CA THR A 28 -1.09 -8.93 10.52
C THR A 28 -0.81 -7.81 11.50
N PHE A 29 -0.25 -8.13 12.64
CA PHE A 29 0.06 -7.08 13.65
C PHE A 29 1.41 -6.44 13.32
N ASP A 30 2.48 -7.19 13.40
CA ASP A 30 3.81 -6.61 13.07
C ASP A 30 3.67 -5.80 11.78
N ASN A 31 3.65 -6.46 10.66
CA ASN A 31 3.47 -5.72 9.38
C ASN A 31 2.00 -5.31 9.30
N ILE A 32 1.58 -4.43 10.15
CA ILE A 32 0.15 -4.01 10.16
C ILE A 32 -0.20 -3.26 8.87
N ILE A 33 0.07 -1.98 8.76
CA ILE A 33 -0.27 -1.26 7.51
C ILE A 33 0.92 -1.31 6.56
N ARG A 34 0.66 -1.42 5.29
CA ARG A 34 1.78 -1.43 4.33
C ARG A 34 1.36 -0.77 3.03
N ARG A 35 1.90 0.37 2.76
CA ARG A 35 1.58 1.10 1.51
C ARG A 35 2.53 0.65 0.41
N GLY A 36 2.02 0.16 -0.68
CA GLY A 36 2.91 -0.31 -1.78
C GLY A 36 2.45 0.27 -3.11
N CYS A 37 2.74 -0.39 -4.18
CA CYS A 37 2.34 0.12 -5.53
C CYS A 37 1.51 -0.94 -6.24
N GLY A 38 0.31 -0.61 -6.62
CA GLY A 38 -0.54 -1.61 -7.33
C GLY A 38 -1.19 -2.50 -6.28
N CYS A 39 -2.35 -3.00 -6.56
CA CYS A 39 -3.02 -3.87 -5.56
C CYS A 39 -2.17 -5.12 -5.32
N PHE A 40 -2.29 -5.68 -4.16
CA PHE A 40 -1.49 -6.90 -3.85
C PHE A 40 -1.91 -8.04 -4.79
N THR A 41 -1.26 -9.17 -4.69
CA THR A 41 -1.60 -10.29 -5.63
C THR A 41 -2.82 -11.09 -5.15
N PRO A 42 -2.87 -11.44 -3.90
CA PRO A 42 -3.96 -12.24 -3.33
C PRO A 42 -5.17 -11.37 -2.98
N ARG A 43 -5.58 -10.51 -3.88
CA ARG A 43 -6.75 -9.66 -3.58
C ARG A 43 -7.98 -10.53 -3.29
N GLY A 44 -9.08 -9.91 -2.97
CA GLY A 44 -10.29 -10.70 -2.67
C GLY A 44 -11.19 -9.90 -1.71
N ASP A 45 -12.13 -10.56 -1.08
CA ASP A 45 -13.02 -9.84 -0.14
C ASP A 45 -12.46 -9.94 1.28
N MET A 46 -11.40 -10.67 1.46
CA MET A 46 -10.81 -10.80 2.83
C MET A 46 -10.06 -9.51 3.20
N PRO A 47 -9.20 -9.08 2.33
CA PRO A 47 -8.39 -7.87 2.53
C PRO A 47 -9.18 -6.62 2.19
N GLY A 48 -8.76 -5.51 2.71
CA GLY A 48 -9.45 -4.22 2.42
C GLY A 48 -8.39 -3.11 2.43
N PRO A 49 -7.48 -3.21 1.51
CA PRO A 49 -6.38 -2.23 1.38
C PRO A 49 -6.85 -0.91 0.81
N TYR A 50 -5.92 -0.11 0.39
CA TYR A 50 -6.27 1.19 -0.21
C TYR A 50 -5.63 1.26 -1.59
N CYS A 51 -6.23 0.62 -2.56
CA CYS A 51 -5.67 0.65 -3.93
C CYS A 51 -6.00 2.01 -4.54
N CYS A 52 -5.04 2.83 -4.78
CA CYS A 52 -5.34 4.16 -5.37
C CYS A 52 -4.51 4.37 -6.62
N GLU A 53 -4.95 5.24 -7.46
CA GLU A 53 -4.20 5.50 -8.71
C GLU A 53 -3.64 6.92 -8.68
N SER A 54 -2.73 7.16 -7.78
CA SER A 54 -2.11 8.51 -7.67
C SER A 54 -0.79 8.36 -6.93
N ASP A 55 0.17 9.19 -7.22
CA ASP A 55 1.47 9.05 -6.53
C ASP A 55 1.29 9.41 -5.06
N LYS A 56 1.90 8.67 -4.18
CA LYS A 56 1.74 8.97 -2.73
C LYS A 56 0.24 9.02 -2.42
N CYS A 57 -0.52 8.10 -2.95
CA CYS A 57 -1.99 8.12 -2.71
C CYS A 57 -2.41 7.16 -1.59
N ASN A 58 -1.57 6.24 -1.17
CA ASN A 58 -2.03 5.31 -0.09
C ASN A 58 -1.66 5.89 1.28
N LEU A 59 -1.54 7.18 1.38
CA LEU A 59 -1.20 7.79 2.70
C LEU A 59 -2.35 7.56 3.67
N ARG A 1 5.28 6.03 -11.49
CA ARG A 1 4.40 6.52 -10.39
C ARG A 1 5.07 6.24 -9.03
N ILE A 2 4.88 7.11 -8.06
CA ILE A 2 5.52 6.86 -6.73
C ILE A 2 4.47 6.77 -5.64
N CYS A 3 4.33 5.64 -5.04
CA CYS A 3 3.35 5.55 -3.95
C CYS A 3 4.10 5.32 -2.63
N TYR A 4 3.41 5.14 -1.54
CA TYR A 4 4.13 4.91 -0.25
C TYR A 4 4.29 3.41 -0.06
N ASN A 5 5.40 2.99 0.49
CA ASN A 5 5.62 1.54 0.74
C ASN A 5 5.66 1.31 2.25
N HIS A 6 6.01 2.33 3.00
CA HIS A 6 6.11 2.19 4.48
C HIS A 6 4.80 1.64 5.07
N LEU A 7 4.91 0.80 6.07
CA LEU A 7 3.68 0.23 6.71
C LEU A 7 3.22 1.14 7.86
N GLY A 8 1.93 1.31 7.99
CA GLY A 8 1.38 2.16 9.09
C GLY A 8 2.30 3.36 9.36
N THR A 9 2.69 3.55 10.60
CA THR A 9 3.58 4.70 10.94
C THR A 9 4.96 4.18 11.36
N LYS A 10 5.24 2.94 11.07
CA LYS A 10 6.57 2.36 11.44
C LYS A 10 7.68 3.26 10.85
N PRO A 11 8.93 2.82 10.92
CA PRO A 11 10.09 3.61 10.42
C PRO A 11 10.41 3.52 8.88
N PRO A 12 9.62 2.85 8.07
CA PRO A 12 9.90 2.76 6.62
C PRO A 12 9.49 4.05 5.92
N THR A 13 9.56 4.09 4.61
CA THR A 13 9.20 5.35 3.90
C THR A 13 8.43 5.06 2.61
N THR A 14 8.43 5.99 1.70
CA THR A 14 7.71 5.80 0.43
C THR A 14 8.53 4.93 -0.52
N GLU A 15 7.98 4.62 -1.66
CA GLU A 15 8.70 3.79 -2.65
C GLU A 15 8.15 4.11 -4.04
N THR A 16 8.93 3.93 -5.06
CA THR A 16 8.43 4.23 -6.43
C THR A 16 8.04 2.92 -7.13
N CYS A 17 6.95 2.94 -7.83
CA CYS A 17 6.50 1.73 -8.55
C CYS A 17 5.92 2.15 -9.91
N GLN A 18 5.78 1.23 -10.81
CA GLN A 18 5.23 1.60 -12.14
C GLN A 18 3.72 1.56 -12.11
N GLU A 19 3.17 0.74 -11.28
CA GLU A 19 1.69 0.64 -11.23
C GLU A 19 1.15 1.98 -10.76
N ASP A 20 0.26 2.55 -11.51
CA ASP A 20 -0.32 3.86 -11.12
C ASP A 20 -1.31 3.63 -9.98
N SER A 21 -1.49 2.40 -9.58
CA SER A 21 -2.42 2.11 -8.47
C SER A 21 -1.68 2.35 -7.15
N CYS A 22 -2.38 2.35 -6.06
CA CYS A 22 -1.75 2.58 -4.73
C CYS A 22 -2.49 1.70 -3.76
N TYR A 23 -1.86 0.78 -3.09
CA TYR A 23 -2.63 -0.09 -2.18
C TYR A 23 -2.24 0.12 -0.73
N LYS A 24 -3.26 0.21 0.07
CA LYS A 24 -3.07 0.40 1.54
C LYS A 24 -3.83 -0.72 2.26
N ASN A 25 -3.12 -1.67 2.77
CA ASN A 25 -3.79 -2.82 3.45
C ASN A 25 -3.41 -2.87 4.93
N ILE A 26 -4.17 -3.58 5.72
CA ILE A 26 -3.87 -3.67 7.18
C ILE A 26 -3.37 -5.06 7.54
N TRP A 27 -3.39 -5.97 6.60
CA TRP A 27 -2.91 -7.35 6.89
C TRP A 27 -1.39 -7.33 7.06
N THR A 28 -0.92 -7.37 8.27
CA THR A 28 0.55 -7.37 8.49
C THR A 28 0.88 -8.05 9.82
N PHE A 29 2.13 -8.14 10.17
CA PHE A 29 2.52 -8.79 11.44
C PHE A 29 2.99 -7.72 12.43
N ASP A 30 4.14 -7.15 12.19
CA ASP A 30 4.67 -6.11 13.12
C ASP A 30 3.76 -4.88 13.06
N ASN A 31 3.95 -4.03 12.10
CA ASN A 31 3.09 -2.82 11.99
C ASN A 31 1.63 -3.24 11.81
N ILE A 32 0.85 -2.44 11.13
CA ILE A 32 -0.58 -2.80 10.91
C ILE A 32 -0.98 -2.47 9.47
N ILE A 33 -0.89 -1.22 9.09
CA ILE A 33 -1.27 -0.84 7.70
C ILE A 33 -0.07 -0.98 6.78
N ARG A 34 -0.31 -1.14 5.52
CA ARG A 34 0.83 -1.26 4.57
C ARG A 34 0.53 -0.49 3.30
N ARG A 35 1.19 0.60 3.14
CA ARG A 35 1.00 1.44 1.94
C ARG A 35 1.97 0.95 0.86
N GLY A 36 1.53 0.91 -0.37
CA GLY A 36 2.42 0.44 -1.47
C GLY A 36 1.89 0.95 -2.80
N CYS A 37 2.26 0.31 -3.88
CA CYS A 37 1.77 0.77 -5.22
C CYS A 37 1.16 -0.44 -5.94
N GLY A 38 -0.02 -0.28 -6.47
CA GLY A 38 -0.66 -1.44 -7.16
C GLY A 38 -1.34 -2.28 -6.09
N CYS A 39 -2.44 -2.90 -6.41
CA CYS A 39 -3.11 -3.71 -5.37
C CYS A 39 -2.17 -4.85 -4.98
N PHE A 40 -2.27 -5.32 -3.77
CA PHE A 40 -1.36 -6.41 -3.33
C PHE A 40 -1.61 -7.69 -4.15
N THR A 41 -0.76 -8.68 -4.00
CA THR A 41 -0.92 -9.93 -4.80
C THR A 41 -2.05 -10.83 -4.28
N PRO A 42 -2.11 -11.03 -2.98
CA PRO A 42 -3.12 -11.90 -2.37
C PRO A 42 -4.43 -11.15 -2.21
N ARG A 43 -4.88 -10.48 -3.25
CA ARG A 43 -6.16 -9.73 -3.16
C ARG A 43 -7.33 -10.69 -3.09
N GLY A 44 -8.52 -10.16 -3.01
CA GLY A 44 -9.72 -11.03 -2.95
C GLY A 44 -10.83 -10.31 -2.17
N ASP A 45 -11.77 -11.04 -1.65
CA ASP A 45 -12.87 -10.40 -0.87
C ASP A 45 -12.50 -10.39 0.61
N MET A 46 -11.73 -11.34 1.05
CA MET A 46 -11.32 -11.38 2.48
C MET A 46 -10.72 -10.03 2.89
N PRO A 47 -9.79 -9.57 2.10
CA PRO A 47 -9.10 -8.29 2.35
C PRO A 47 -9.95 -7.12 1.88
N GLY A 48 -9.66 -5.94 2.35
CA GLY A 48 -10.43 -4.75 1.93
C GLY A 48 -9.55 -3.51 2.07
N PRO A 49 -8.45 -3.52 1.35
CA PRO A 49 -7.48 -2.41 1.36
C PRO A 49 -8.00 -1.23 0.55
N TYR A 50 -7.12 -0.34 0.18
CA TYR A 50 -7.54 0.82 -0.62
C TYR A 50 -6.64 0.97 -1.85
N CYS A 51 -6.97 0.34 -2.93
CA CYS A 51 -6.14 0.49 -4.16
C CYS A 51 -6.52 1.82 -4.80
N CYS A 52 -5.61 2.74 -4.83
CA CYS A 52 -5.91 4.07 -5.43
C CYS A 52 -5.15 4.19 -6.74
N GLU A 53 -5.50 5.10 -7.56
CA GLU A 53 -4.76 5.24 -8.85
C GLU A 53 -4.08 6.61 -8.91
N SER A 54 -3.21 6.90 -7.97
CA SER A 54 -2.52 8.21 -7.99
C SER A 54 -1.19 8.08 -7.25
N ASP A 55 -0.31 9.01 -7.46
CA ASP A 55 1.01 8.95 -6.78
C ASP A 55 0.83 9.23 -5.29
N LYS A 56 1.69 8.69 -4.48
CA LYS A 56 1.59 8.92 -3.02
C LYS A 56 0.13 8.87 -2.57
N CYS A 57 -0.67 8.05 -3.21
CA CYS A 57 -2.12 8.00 -2.83
C CYS A 57 -2.35 7.31 -1.47
N ASN A 58 -1.52 6.37 -1.08
CA ASN A 58 -1.77 5.70 0.24
C ASN A 58 -2.16 6.74 1.28
N LEU A 59 -1.68 7.94 1.15
CA LEU A 59 -2.04 8.97 2.14
C LEU A 59 -2.34 10.29 1.42
N ARG A 1 3.75 4.51 -10.66
CA ARG A 1 4.61 5.70 -10.41
C ARG A 1 5.13 5.63 -8.96
N ILE A 2 5.08 6.72 -8.23
CA ILE A 2 5.58 6.67 -6.82
C ILE A 2 4.43 6.46 -5.86
N CYS A 3 4.58 5.57 -4.94
CA CYS A 3 3.50 5.36 -3.96
C CYS A 3 4.12 5.34 -2.56
N TYR A 4 3.31 5.31 -1.53
CA TYR A 4 3.89 5.30 -0.17
C TYR A 4 4.40 3.89 0.14
N ASN A 5 5.49 3.82 0.85
CA ASN A 5 6.07 2.49 1.21
C ASN A 5 5.97 2.30 2.72
N HIS A 6 5.97 3.38 3.45
CA HIS A 6 5.90 3.25 4.93
C HIS A 6 4.72 2.35 5.34
N LEU A 7 5.02 1.34 6.11
CA LEU A 7 3.98 0.41 6.58
C LEU A 7 3.69 0.71 8.05
N GLY A 8 2.59 0.19 8.58
CA GLY A 8 2.21 0.40 10.03
C GLY A 8 3.22 1.28 10.74
N THR A 9 4.41 0.78 10.95
CA THR A 9 5.44 1.58 11.63
C THR A 9 5.43 2.99 11.03
N LYS A 10 5.41 3.98 11.86
CA LYS A 10 5.39 5.39 11.38
C LYS A 10 6.78 5.96 10.95
N PRO A 11 7.87 5.30 11.28
CA PRO A 11 9.22 5.80 10.91
C PRO A 11 9.64 5.64 9.43
N PRO A 12 9.05 4.75 8.68
CA PRO A 12 9.42 4.56 7.25
C PRO A 12 8.88 5.71 6.40
N THR A 13 9.08 5.68 5.11
CA THR A 13 8.61 6.81 4.26
C THR A 13 8.08 6.31 2.90
N THR A 14 8.08 7.18 1.92
CA THR A 14 7.59 6.80 0.57
C THR A 14 8.75 6.40 -0.34
N GLU A 15 8.43 5.78 -1.43
CA GLU A 15 9.46 5.35 -2.40
C GLU A 15 8.82 5.26 -3.78
N THR A 16 9.59 5.19 -4.83
CA THR A 16 8.97 5.11 -6.18
C THR A 16 8.80 3.64 -6.56
N CYS A 17 7.79 3.34 -7.34
CA CYS A 17 7.57 1.92 -7.74
C CYS A 17 7.12 1.85 -9.20
N GLN A 18 6.81 0.68 -9.68
CA GLN A 18 6.39 0.54 -11.10
C GLN A 18 4.87 0.54 -11.23
N GLU A 19 4.20 -0.14 -10.35
CA GLU A 19 2.72 -0.20 -10.47
C GLU A 19 2.15 1.20 -10.26
N ASP A 20 1.42 1.68 -11.22
CA ASP A 20 0.84 3.04 -11.09
C ASP A 20 -0.12 3.04 -9.91
N SER A 21 -0.53 1.89 -9.49
CA SER A 21 -1.47 1.83 -8.34
C SER A 21 -0.66 1.89 -7.06
N CYS A 22 -1.30 2.06 -5.94
CA CYS A 22 -0.57 2.09 -4.65
C CYS A 22 -1.37 1.22 -3.68
N TYR A 23 -0.80 0.17 -3.17
CA TYR A 23 -1.58 -0.69 -2.25
C TYR A 23 -1.28 -0.33 -0.81
N LYS A 24 -2.30 -0.22 -0.03
CA LYS A 24 -2.11 0.09 1.41
C LYS A 24 -3.15 -0.71 2.17
N ASN A 25 -2.74 -1.80 2.73
CA ASN A 25 -3.71 -2.68 3.45
C ASN A 25 -3.28 -2.94 4.89
N ILE A 26 -4.15 -3.55 5.65
CA ILE A 26 -3.85 -3.86 7.08
C ILE A 26 -3.18 -5.23 7.16
N TRP A 27 -3.35 -6.05 6.16
CA TRP A 27 -2.73 -7.40 6.17
C TRP A 27 -1.22 -7.25 6.06
N THR A 28 -0.47 -7.88 6.93
CA THR A 28 1.00 -7.74 6.84
C THR A 28 1.67 -8.92 7.57
N PHE A 29 2.97 -8.85 7.74
CA PHE A 29 3.70 -9.95 8.43
C PHE A 29 3.67 -9.71 9.95
N ASP A 30 4.58 -8.92 10.45
CA ASP A 30 4.61 -8.65 11.91
C ASP A 30 4.23 -7.19 12.17
N ASN A 31 3.87 -6.46 11.14
CA ASN A 31 3.49 -5.03 11.33
C ASN A 31 1.96 -4.89 11.23
N ILE A 32 1.47 -3.87 10.57
CA ILE A 32 -0.01 -3.72 10.47
C ILE A 32 -0.40 -3.18 9.08
N ILE A 33 -0.21 -1.93 8.83
CA ILE A 33 -0.58 -1.36 7.49
C ILE A 33 0.61 -1.42 6.55
N ARG A 34 0.40 -1.49 5.27
CA ARG A 34 1.58 -1.51 4.35
C ARG A 34 1.26 -0.78 3.05
N ARG A 35 1.83 0.37 2.88
CA ARG A 35 1.62 1.14 1.63
C ARG A 35 2.65 0.69 0.60
N GLY A 36 2.20 0.31 -0.56
CA GLY A 36 3.14 -0.16 -1.61
C GLY A 36 2.70 0.37 -2.97
N CYS A 37 3.01 -0.34 -4.02
CA CYS A 37 2.61 0.13 -5.37
C CYS A 37 1.74 -0.92 -6.06
N GLY A 38 0.46 -0.66 -6.18
CA GLY A 38 -0.44 -1.64 -6.82
C GLY A 38 -1.56 -1.95 -5.85
N CYS A 39 -2.12 -3.11 -5.95
CA CYS A 39 -3.20 -3.47 -5.00
C CYS A 39 -2.67 -4.50 -4.01
N PHE A 40 -3.51 -4.93 -3.12
CA PHE A 40 -3.09 -5.93 -2.10
C PHE A 40 -2.97 -7.30 -2.76
N THR A 41 -2.67 -8.31 -2.01
CA THR A 41 -2.52 -9.67 -2.62
C THR A 41 -3.84 -10.46 -2.62
N PRO A 42 -4.52 -10.50 -1.50
CA PRO A 42 -5.77 -11.25 -1.38
C PRO A 42 -6.95 -10.39 -1.82
N ARG A 43 -6.84 -9.76 -2.96
CA ARG A 43 -7.96 -8.89 -3.43
C ARG A 43 -9.26 -9.69 -3.42
N GLY A 44 -10.35 -9.04 -3.16
CA GLY A 44 -11.64 -9.75 -3.13
C GLY A 44 -12.66 -8.94 -2.33
N ASP A 45 -13.85 -9.46 -2.15
CA ASP A 45 -14.87 -8.71 -1.37
C ASP A 45 -14.83 -9.15 0.10
N MET A 46 -13.88 -9.95 0.48
CA MET A 46 -13.81 -10.40 1.90
C MET A 46 -13.04 -9.37 2.73
N PRO A 47 -11.83 -9.08 2.32
CA PRO A 47 -10.97 -8.12 3.01
C PRO A 47 -11.33 -6.70 2.58
N GLY A 48 -10.90 -5.71 3.31
CA GLY A 48 -11.22 -4.31 2.94
C GLY A 48 -9.96 -3.43 3.05
N PRO A 49 -8.95 -3.81 2.31
CA PRO A 49 -7.67 -3.08 2.29
C PRO A 49 -7.78 -1.80 1.43
N TYR A 50 -6.68 -1.19 1.09
CA TYR A 50 -6.76 0.06 0.30
C TYR A 50 -5.82 0.05 -0.92
N CYS A 51 -6.36 -0.02 -2.10
CA CYS A 51 -5.54 0.04 -3.35
C CYS A 51 -5.97 1.31 -4.08
N CYS A 52 -5.16 1.80 -4.97
CA CYS A 52 -5.55 3.04 -5.69
C CYS A 52 -4.70 3.20 -6.93
N GLU A 53 -5.12 4.02 -7.84
CA GLU A 53 -4.33 4.23 -9.08
C GLU A 53 -3.93 5.69 -9.20
N SER A 54 -3.23 6.19 -8.22
CA SER A 54 -2.77 7.60 -8.24
C SER A 54 -1.40 7.65 -7.57
N ASP A 55 -0.64 8.68 -7.79
CA ASP A 55 0.70 8.73 -7.15
C ASP A 55 0.53 8.91 -5.65
N LYS A 56 1.42 8.33 -4.91
CA LYS A 56 1.35 8.43 -3.42
C LYS A 56 -0.12 8.35 -2.98
N CYS A 57 -0.88 7.49 -3.59
CA CYS A 57 -2.33 7.37 -3.23
C CYS A 57 -2.54 6.66 -1.89
N ASN A 58 -1.56 5.96 -1.36
CA ASN A 58 -1.78 5.25 -0.08
C ASN A 58 -1.49 6.16 1.11
N LEU A 59 -1.64 7.44 0.96
CA LEU A 59 -1.39 8.37 2.11
C LEU A 59 -2.64 9.23 2.33
N ARG A 1 3.68 4.36 -10.24
CA ARG A 1 4.10 5.78 -10.12
C ARG A 1 4.65 6.03 -8.71
N ILE A 2 4.39 7.18 -8.16
CA ILE A 2 4.91 7.45 -6.78
C ILE A 2 3.90 6.96 -5.76
N CYS A 3 4.27 5.98 -4.99
CA CYS A 3 3.31 5.51 -3.95
C CYS A 3 3.98 5.57 -2.58
N TYR A 4 3.22 5.53 -1.53
CA TYR A 4 3.81 5.60 -0.17
C TYR A 4 4.31 4.22 0.26
N ASN A 5 5.43 4.20 0.93
CA ASN A 5 5.99 2.92 1.42
C ASN A 5 5.91 2.88 2.94
N HIS A 6 5.40 3.91 3.55
CA HIS A 6 5.30 3.96 5.03
C HIS A 6 4.63 2.69 5.54
N LEU A 7 5.10 2.20 6.65
CA LEU A 7 4.51 0.96 7.25
C LEU A 7 3.70 1.33 8.49
N GLY A 8 2.62 0.61 8.73
CA GLY A 8 1.74 0.84 9.92
C GLY A 8 2.23 2.00 10.79
N THR A 9 2.96 1.71 11.85
CA THR A 9 3.45 2.79 12.74
C THR A 9 4.99 2.84 12.72
N LYS A 10 5.56 2.92 11.55
CA LYS A 10 7.05 2.98 11.43
C LYS A 10 7.41 4.32 10.77
N PRO A 11 8.66 4.53 10.42
CA PRO A 11 9.06 5.78 9.77
C PRO A 11 8.51 5.77 8.34
N PRO A 12 7.60 6.68 8.09
CA PRO A 12 6.92 6.75 6.78
C PRO A 12 7.81 7.33 5.68
N THR A 13 7.91 6.64 4.58
CA THR A 13 8.74 7.14 3.45
C THR A 13 8.02 6.77 2.15
N THR A 14 7.95 7.66 1.20
CA THR A 14 7.24 7.32 -0.06
C THR A 14 8.10 6.34 -0.86
N GLU A 15 7.61 5.90 -1.98
CA GLU A 15 8.39 4.95 -2.81
C GLU A 15 7.97 5.06 -4.26
N THR A 16 8.89 4.88 -5.17
CA THR A 16 8.54 4.97 -6.61
C THR A 16 8.63 3.59 -7.23
N CYS A 17 7.59 3.14 -7.88
CA CYS A 17 7.63 1.79 -8.51
C CYS A 17 7.05 1.86 -9.91
N GLN A 18 6.75 0.74 -10.51
CA GLN A 18 6.20 0.75 -11.89
C GLN A 18 4.68 0.72 -11.84
N GLU A 19 4.13 -0.05 -10.95
CA GLU A 19 2.64 -0.13 -10.91
C GLU A 19 2.11 1.24 -10.52
N ASP A 20 1.28 1.81 -11.35
CA ASP A 20 0.74 3.14 -11.01
C ASP A 20 -0.21 2.98 -9.83
N SER A 21 -0.51 1.76 -9.47
CA SER A 21 -1.42 1.54 -8.33
C SER A 21 -0.60 1.68 -7.06
N CYS A 22 -1.21 2.00 -5.97
CA CYS A 22 -0.47 2.11 -4.69
C CYS A 22 -1.25 1.27 -3.71
N TYR A 23 -0.65 0.28 -3.11
CA TYR A 23 -1.45 -0.58 -2.23
C TYR A 23 -1.22 -0.26 -0.77
N LYS A 24 -2.26 -0.31 -0.02
CA LYS A 24 -2.18 -0.04 1.44
C LYS A 24 -3.10 -1.04 2.14
N ASN A 25 -2.56 -2.08 2.70
CA ASN A 25 -3.45 -3.07 3.35
C ASN A 25 -3.06 -3.28 4.81
N ILE A 26 -3.96 -3.81 5.60
CA ILE A 26 -3.67 -4.05 7.03
C ILE A 26 -3.32 -5.53 7.25
N TRP A 27 -3.66 -6.37 6.32
CA TRP A 27 -3.34 -7.82 6.46
C TRP A 27 -1.83 -8.03 6.36
N THR A 28 -1.17 -8.25 7.46
CA THR A 28 0.30 -8.46 7.42
C THR A 28 0.75 -9.22 8.67
N PHE A 29 1.96 -9.70 8.71
CA PHE A 29 2.43 -10.44 9.91
C PHE A 29 3.28 -9.52 10.78
N ASP A 30 4.46 -9.17 10.34
CA ASP A 30 5.32 -8.28 11.15
C ASP A 30 4.56 -7.01 11.52
N ASN A 31 4.65 -5.98 10.72
CA ASN A 31 3.93 -4.71 11.03
C ASN A 31 2.43 -4.92 10.86
N ILE A 32 1.73 -3.92 10.40
CA ILE A 32 0.25 -4.06 10.21
C ILE A 32 -0.17 -3.46 8.88
N ILE A 33 -0.08 -2.15 8.76
CA ILE A 33 -0.46 -1.49 7.47
C ILE A 33 0.76 -1.37 6.59
N ARG A 34 0.59 -1.50 5.31
CA ARG A 34 1.76 -1.36 4.42
C ARG A 34 1.39 -0.69 3.10
N ARG A 35 1.87 0.50 2.93
CA ARG A 35 1.61 1.26 1.67
C ARG A 35 2.66 0.84 0.64
N GLY A 36 2.25 0.50 -0.54
CA GLY A 36 3.25 0.09 -1.58
C GLY A 36 2.76 0.50 -2.97
N CYS A 37 3.32 -0.09 -4.00
CA CYS A 37 2.91 0.26 -5.39
C CYS A 37 2.19 -0.93 -6.05
N GLY A 38 0.92 -0.79 -6.29
CA GLY A 38 0.14 -1.89 -6.90
C GLY A 38 -1.05 -2.18 -6.01
N CYS A 39 -1.56 -3.36 -6.05
CA CYS A 39 -2.71 -3.71 -5.16
C CYS A 39 -2.27 -4.82 -4.20
N PHE A 40 -3.08 -5.08 -3.20
CA PHE A 40 -2.72 -6.15 -2.23
C PHE A 40 -2.74 -7.50 -2.94
N THR A 41 -2.49 -8.56 -2.22
CA THR A 41 -2.47 -9.90 -2.87
C THR A 41 -3.83 -10.59 -2.79
N PRO A 42 -4.43 -10.64 -1.62
CA PRO A 42 -5.71 -11.31 -1.43
C PRO A 42 -6.86 -10.37 -1.77
N ARG A 43 -6.74 -9.64 -2.84
CA ARG A 43 -7.84 -8.70 -3.22
C ARG A 43 -9.14 -9.48 -3.28
N GLY A 44 -10.23 -8.86 -2.92
CA GLY A 44 -11.51 -9.58 -2.99
C GLY A 44 -12.57 -8.82 -2.19
N ASP A 45 -13.71 -9.41 -1.97
CA ASP A 45 -14.78 -8.73 -1.21
C ASP A 45 -14.70 -9.12 0.27
N MET A 46 -13.80 -9.99 0.63
CA MET A 46 -13.69 -10.39 2.07
C MET A 46 -12.84 -9.37 2.82
N PRO A 47 -11.67 -9.11 2.30
CA PRO A 47 -10.74 -8.14 2.90
C PRO A 47 -11.10 -6.73 2.45
N GLY A 48 -10.53 -5.72 3.04
CA GLY A 48 -10.88 -4.34 2.61
C GLY A 48 -9.66 -3.42 2.71
N PRO A 49 -8.58 -3.82 2.06
CA PRO A 49 -7.35 -3.02 2.05
C PRO A 49 -7.47 -1.87 1.04
N TYR A 50 -6.39 -1.23 0.67
CA TYR A 50 -6.52 -0.09 -0.27
C TYR A 50 -5.54 -0.17 -1.46
N CYS A 51 -6.04 0.06 -2.65
CA CYS A 51 -5.18 0.07 -3.87
C CYS A 51 -5.67 1.23 -4.72
N CYS A 52 -4.79 1.92 -5.36
CA CYS A 52 -5.24 3.08 -6.22
C CYS A 52 -4.15 3.47 -7.21
N GLU A 53 -4.55 3.83 -8.41
CA GLU A 53 -3.56 4.22 -9.45
C GLU A 53 -3.16 5.69 -9.30
N SER A 54 -3.68 6.36 -8.32
CA SER A 54 -3.29 7.79 -8.13
C SER A 54 -1.98 7.85 -7.35
N ASP A 55 -1.17 8.84 -7.59
CA ASP A 55 0.11 8.92 -6.85
C ASP A 55 -0.16 9.23 -5.38
N LYS A 56 0.70 8.78 -4.52
CA LYS A 56 0.51 9.04 -3.06
C LYS A 56 -0.89 8.61 -2.62
N CYS A 57 -1.49 7.66 -3.30
CA CYS A 57 -2.86 7.23 -2.89
C CYS A 57 -2.82 6.67 -1.47
N ASN A 58 -1.74 6.04 -1.07
CA ASN A 58 -1.69 5.46 0.28
C ASN A 58 -1.19 6.49 1.32
N LEU A 59 -1.46 7.75 1.10
CA LEU A 59 -1.02 8.75 2.11
C LEU A 59 -2.25 9.45 2.68
N ARG A 1 4.34 3.67 -9.73
CA ARG A 1 4.80 5.09 -9.62
C ARG A 1 5.37 5.32 -8.22
N ILE A 2 5.27 6.52 -7.70
CA ILE A 2 5.80 6.77 -6.33
C ILE A 2 4.71 6.48 -5.31
N CYS A 3 4.84 5.44 -4.56
CA CYS A 3 3.80 5.19 -3.52
C CYS A 3 4.49 5.12 -2.16
N TYR A 4 3.76 4.97 -1.09
CA TYR A 4 4.43 4.90 0.23
C TYR A 4 4.87 3.46 0.45
N ASN A 5 6.00 3.25 1.07
CA ASN A 5 6.48 1.85 1.27
C ASN A 5 6.50 1.43 2.74
N HIS A 6 6.63 2.35 3.68
CA HIS A 6 6.71 1.90 5.10
C HIS A 6 5.43 1.20 5.53
N LEU A 7 5.42 0.76 6.75
CA LEU A 7 4.24 0.01 7.27
C LEU A 7 3.40 0.87 8.23
N GLY A 8 2.28 0.35 8.61
CA GLY A 8 1.38 1.05 9.57
C GLY A 8 0.96 2.41 9.00
N THR A 9 0.24 3.18 9.79
CA THR A 9 -0.23 4.52 9.31
C THR A 9 0.84 5.56 9.60
N LYS A 10 1.83 5.24 10.37
CA LYS A 10 2.90 6.23 10.67
C LYS A 10 3.39 6.81 9.34
N PRO A 11 4.30 7.76 9.43
CA PRO A 11 4.88 8.40 8.24
C PRO A 11 5.92 7.46 7.61
N PRO A 12 5.57 6.88 6.49
CA PRO A 12 6.42 5.92 5.80
C PRO A 12 7.40 6.64 4.87
N THR A 13 8.18 5.90 4.13
CA THR A 13 9.12 6.55 3.18
C THR A 13 8.60 6.29 1.77
N THR A 14 8.22 7.32 1.07
CA THR A 14 7.69 7.10 -0.30
C THR A 14 8.60 6.14 -1.05
N GLU A 15 8.09 5.55 -2.08
CA GLU A 15 8.90 4.59 -2.88
C GLU A 15 8.36 4.57 -4.30
N THR A 16 9.17 4.22 -5.25
CA THR A 16 8.68 4.22 -6.66
C THR A 16 8.52 2.79 -7.17
N CYS A 17 7.47 2.55 -7.91
CA CYS A 17 7.25 1.18 -8.47
C CYS A 17 6.73 1.33 -9.89
N GLN A 18 6.26 0.27 -10.49
CA GLN A 18 5.77 0.38 -11.89
C GLN A 18 4.26 0.61 -11.92
N GLU A 19 3.54 -0.09 -11.10
CA GLU A 19 2.05 0.07 -11.15
C GLU A 19 1.69 1.49 -10.74
N ASP A 20 0.77 2.10 -11.44
CA ASP A 20 0.35 3.49 -11.07
C ASP A 20 -0.50 3.43 -9.82
N SER A 21 -0.96 2.26 -9.47
CA SER A 21 -1.82 2.15 -8.26
C SER A 21 -0.93 2.01 -7.02
N CYS A 22 -1.38 2.51 -5.91
CA CYS A 22 -0.59 2.38 -4.66
C CYS A 22 -1.45 1.58 -3.71
N TYR A 23 -0.97 0.50 -3.20
CA TYR A 23 -1.84 -0.31 -2.32
C TYR A 23 -1.31 -0.33 -0.91
N LYS A 24 -2.17 -0.02 -0.01
CA LYS A 24 -1.81 0.00 1.42
C LYS A 24 -2.77 -0.97 2.11
N ASN A 25 -2.26 -2.06 2.60
CA ASN A 25 -3.13 -3.09 3.22
C ASN A 25 -2.70 -3.37 4.67
N ILE A 26 -3.61 -3.91 5.44
CA ILE A 26 -3.29 -4.23 6.86
C ILE A 26 -2.73 -5.65 6.95
N TRP A 27 -2.84 -6.40 5.89
CA TRP A 27 -2.32 -7.80 5.90
C TRP A 27 -0.80 -7.80 5.84
N THR A 28 -0.15 -8.16 6.92
CA THR A 28 1.34 -8.18 6.92
C THR A 28 1.83 -9.11 8.02
N PHE A 29 3.12 -9.36 8.07
CA PHE A 29 3.66 -10.27 9.12
C PHE A 29 4.47 -9.46 10.14
N ASP A 30 5.45 -8.73 9.69
CA ASP A 30 6.27 -7.93 10.64
C ASP A 30 5.40 -6.87 11.30
N ASN A 31 5.11 -5.79 10.61
CA ASN A 31 4.27 -4.72 11.19
C ASN A 31 2.79 -5.05 10.96
N ILE A 32 1.99 -4.09 10.57
CA ILE A 32 0.55 -4.37 10.33
C ILE A 32 0.13 -3.83 8.96
N ILE A 33 0.14 -2.53 8.80
CA ILE A 33 -0.25 -1.94 7.49
C ILE A 33 0.99 -1.73 6.63
N ARG A 34 0.83 -1.76 5.34
CA ARG A 34 2.02 -1.53 4.48
C ARG A 34 1.63 -0.81 3.20
N ARG A 35 2.22 0.32 2.97
CA ARG A 35 1.93 1.06 1.72
C ARG A 35 2.81 0.51 0.61
N GLY A 36 2.24 0.20 -0.51
CA GLY A 36 3.05 -0.36 -1.64
C GLY A 36 2.53 0.18 -2.97
N CYS A 37 2.85 -0.49 -4.04
CA CYS A 37 2.40 -0.04 -5.39
C CYS A 37 1.78 -1.24 -6.12
N GLY A 38 0.52 -1.16 -6.47
CA GLY A 38 -0.12 -2.32 -7.13
C GLY A 38 -1.04 -2.91 -6.09
N CYS A 39 -2.16 -3.42 -6.46
CA CYS A 39 -3.09 -3.94 -5.42
C CYS A 39 -2.49 -5.11 -4.64
N PHE A 40 -3.16 -5.46 -3.58
CA PHE A 40 -2.71 -6.57 -2.69
C PHE A 40 -2.79 -7.88 -3.44
N THR A 41 -2.55 -8.97 -2.77
CA THR A 41 -2.59 -10.30 -3.45
C THR A 41 -4.04 -10.84 -3.49
N PRO A 42 -4.65 -11.05 -2.34
CA PRO A 42 -6.00 -11.58 -2.27
C PRO A 42 -7.03 -10.46 -2.42
N ARG A 43 -6.90 -9.62 -3.41
CA ARG A 43 -7.89 -8.52 -3.58
C ARG A 43 -9.29 -9.11 -3.61
N GLY A 44 -10.26 -8.39 -3.13
CA GLY A 44 -11.65 -8.91 -3.14
C GLY A 44 -12.48 -8.18 -2.10
N ASP A 45 -13.68 -8.65 -1.84
CA ASP A 45 -14.55 -7.97 -0.84
C ASP A 45 -14.36 -8.63 0.53
N MET A 46 -13.67 -9.74 0.59
CA MET A 46 -13.48 -10.40 1.92
C MET A 46 -12.55 -9.54 2.78
N PRO A 47 -11.39 -9.24 2.25
CA PRO A 47 -10.40 -8.41 2.95
C PRO A 47 -10.76 -6.93 2.76
N GLY A 48 -10.11 -6.03 3.47
CA GLY A 48 -10.45 -4.61 3.29
C GLY A 48 -9.19 -3.73 3.27
N PRO A 49 -8.26 -4.06 2.41
CA PRO A 49 -7.01 -3.30 2.26
C PRO A 49 -7.27 -2.06 1.38
N TYR A 50 -6.24 -1.43 0.86
CA TYR A 50 -6.50 -0.22 0.03
C TYR A 50 -5.74 -0.29 -1.31
N CYS A 51 -6.28 0.38 -2.30
CA CYS A 51 -5.67 0.42 -3.67
C CYS A 51 -5.99 1.79 -4.25
N CYS A 52 -5.00 2.63 -4.40
CA CYS A 52 -5.28 3.97 -4.97
C CYS A 52 -4.51 4.12 -6.28
N GLU A 53 -4.88 5.05 -7.09
CA GLU A 53 -4.18 5.24 -8.38
C GLU A 53 -3.50 6.60 -8.42
N SER A 54 -2.83 6.95 -7.37
CA SER A 54 -2.11 8.26 -7.32
C SER A 54 -0.79 8.03 -6.58
N ASP A 55 0.21 8.82 -6.85
CA ASP A 55 1.50 8.59 -6.14
C ASP A 55 1.32 8.95 -4.66
N LYS A 56 2.12 8.34 -3.82
CA LYS A 56 2.00 8.62 -2.35
C LYS A 56 0.52 8.74 -1.98
N CYS A 57 -0.31 7.95 -2.60
CA CYS A 57 -1.76 8.02 -2.33
C CYS A 57 -2.18 7.10 -1.17
N ASN A 58 -1.32 6.22 -0.70
CA ASN A 58 -1.74 5.35 0.41
C ASN A 58 -1.29 5.94 1.75
N LEU A 59 -1.54 7.20 1.97
CA LEU A 59 -1.13 7.82 3.26
C LEU A 59 -2.38 8.13 4.09
N ARG A 1 5.26 5.05 -11.74
CA ARG A 1 4.68 6.07 -10.83
C ARG A 1 5.21 5.86 -9.41
N ILE A 2 5.17 6.87 -8.58
CA ILE A 2 5.68 6.69 -7.18
C ILE A 2 4.52 6.46 -6.22
N CYS A 3 4.60 5.44 -5.43
CA CYS A 3 3.52 5.21 -4.44
C CYS A 3 4.14 5.25 -3.05
N TYR A 4 3.35 5.13 -2.02
CA TYR A 4 3.96 5.17 -0.66
C TYR A 4 4.34 3.75 -0.25
N ASN A 5 5.46 3.62 0.40
CA ASN A 5 5.93 2.29 0.85
C ASN A 5 5.86 2.25 2.37
N HIS A 6 5.94 3.39 2.99
CA HIS A 6 5.90 3.43 4.47
C HIS A 6 4.69 2.63 4.98
N LEU A 7 4.92 1.76 5.93
CA LEU A 7 3.82 0.92 6.47
C LEU A 7 3.40 1.44 7.84
N GLY A 8 2.18 1.15 8.25
CA GLY A 8 1.70 1.61 9.58
C GLY A 8 2.06 3.08 9.79
N THR A 9 2.34 3.47 11.01
CA THR A 9 2.69 4.89 11.29
C THR A 9 4.16 5.00 11.66
N LYS A 10 4.92 3.95 11.50
CA LYS A 10 6.37 4.00 11.86
C LYS A 10 7.02 5.15 11.04
N PRO A 11 8.33 5.24 11.07
CA PRO A 11 9.09 6.31 10.35
C PRO A 11 9.60 5.94 8.92
N PRO A 12 8.94 5.09 8.17
CA PRO A 12 9.41 4.75 6.81
C PRO A 12 9.12 5.89 5.82
N THR A 13 9.22 5.65 4.54
CA THR A 13 8.98 6.74 3.56
C THR A 13 8.23 6.22 2.32
N THR A 14 8.31 6.94 1.23
CA THR A 14 7.62 6.50 -0.01
C THR A 14 8.54 5.61 -0.83
N GLU A 15 8.07 5.19 -1.98
CA GLU A 15 8.91 4.31 -2.86
C GLU A 15 8.45 4.51 -4.31
N THR A 16 9.32 4.24 -5.25
CA THR A 16 8.92 4.42 -6.68
C THR A 16 8.63 3.05 -7.30
N CYS A 17 7.56 2.95 -8.04
CA CYS A 17 7.21 1.66 -8.67
C CYS A 17 6.67 1.91 -10.07
N GLN A 18 6.30 0.88 -10.77
CA GLN A 18 5.72 1.07 -12.13
C GLN A 18 4.22 1.13 -12.03
N GLU A 19 3.66 0.35 -11.16
CA GLU A 19 2.18 0.35 -11.04
C GLU A 19 1.74 1.72 -10.53
N ASP A 20 0.88 2.37 -11.25
CA ASP A 20 0.43 3.71 -10.80
C ASP A 20 -0.49 3.52 -9.61
N SER A 21 -0.85 2.30 -9.32
CA SER A 21 -1.74 2.08 -8.15
C SER A 21 -0.85 2.00 -6.91
N CYS A 22 -1.41 2.14 -5.74
CA CYS A 22 -0.59 2.04 -4.50
C CYS A 22 -1.37 1.19 -3.50
N TYR A 23 -0.73 0.31 -2.80
CA TYR A 23 -1.50 -0.53 -1.84
C TYR A 23 -1.16 -0.15 -0.42
N LYS A 24 -2.17 0.06 0.36
CA LYS A 24 -1.98 0.45 1.78
C LYS A 24 -3.03 -0.28 2.60
N ASN A 25 -2.77 -1.52 2.86
CA ASN A 25 -3.75 -2.37 3.59
C ASN A 25 -3.24 -2.79 4.97
N ILE A 26 -4.09 -3.45 5.71
CA ILE A 26 -3.72 -3.91 7.09
C ILE A 26 -3.01 -5.27 7.04
N TRP A 27 -3.30 -6.05 6.04
CA TRP A 27 -2.64 -7.39 5.95
C TRP A 27 -1.12 -7.23 6.03
N THR A 28 -0.54 -7.66 7.12
CA THR A 28 0.93 -7.53 7.27
C THR A 28 1.43 -8.53 8.31
N PHE A 29 2.59 -8.31 8.87
CA PHE A 29 3.12 -9.25 9.90
C PHE A 29 3.10 -8.60 11.27
N ASP A 30 4.19 -8.03 11.70
CA ASP A 30 4.21 -7.38 13.05
C ASP A 30 3.45 -6.06 12.99
N ASN A 31 3.77 -5.23 12.04
CA ASN A 31 3.05 -3.93 11.91
C ASN A 31 1.59 -4.19 11.55
N ILE A 32 0.91 -3.21 11.04
CA ILE A 32 -0.53 -3.42 10.67
C ILE A 32 -0.76 -2.90 9.24
N ILE A 33 -0.66 -1.61 9.04
CA ILE A 33 -0.89 -1.07 7.68
C ILE A 33 0.41 -1.14 6.88
N ARG A 34 0.31 -1.28 5.59
CA ARG A 34 1.55 -1.32 4.77
C ARG A 34 1.30 -0.65 3.43
N ARG A 35 2.00 0.42 3.17
CA ARG A 35 1.85 1.14 1.88
C ARG A 35 2.82 0.55 0.85
N GLY A 36 2.41 0.48 -0.38
CA GLY A 36 3.29 -0.09 -1.44
C GLY A 36 2.86 0.45 -2.80
N CYS A 37 3.14 -0.28 -3.84
CA CYS A 37 2.76 0.18 -5.21
C CYS A 37 1.93 -0.90 -5.91
N GLY A 38 0.69 -0.59 -6.23
CA GLY A 38 -0.16 -1.61 -6.90
C GLY A 38 -1.24 -2.03 -5.92
N CYS A 39 -1.86 -3.14 -6.14
CA CYS A 39 -2.90 -3.59 -5.20
C CYS A 39 -2.37 -4.76 -4.36
N PHE A 40 -3.11 -5.15 -3.37
CA PHE A 40 -2.66 -6.28 -2.50
C PHE A 40 -2.62 -7.57 -3.31
N THR A 41 -2.23 -8.65 -2.70
CA THR A 41 -2.13 -9.94 -3.45
C THR A 41 -3.44 -10.74 -3.44
N PRO A 42 -4.04 -10.90 -2.28
CA PRO A 42 -5.28 -11.68 -2.16
C PRO A 42 -6.49 -10.81 -2.49
N ARG A 43 -6.42 -10.06 -3.55
CA ARG A 43 -7.57 -9.20 -3.92
C ARG A 43 -8.83 -10.05 -4.00
N GLY A 44 -9.90 -9.60 -3.42
CA GLY A 44 -11.15 -10.40 -3.47
C GLY A 44 -12.21 -9.76 -2.57
N ASP A 45 -13.32 -10.41 -2.38
CA ASP A 45 -14.37 -9.84 -1.51
C ASP A 45 -14.22 -10.36 -0.08
N MET A 46 -13.22 -11.17 0.18
CA MET A 46 -13.04 -11.68 1.56
C MET A 46 -12.30 -10.65 2.42
N PRO A 47 -11.14 -10.26 1.97
CA PRO A 47 -10.32 -9.27 2.68
C PRO A 47 -10.77 -7.87 2.27
N GLY A 48 -10.40 -6.87 3.01
CA GLY A 48 -10.81 -5.49 2.64
C GLY A 48 -9.61 -4.54 2.74
N PRO A 49 -8.57 -4.85 2.00
CA PRO A 49 -7.34 -4.04 2.00
C PRO A 49 -7.55 -2.80 1.11
N TYR A 50 -6.51 -2.08 0.78
CA TYR A 50 -6.70 -0.86 -0.05
C TYR A 50 -5.73 -0.80 -1.24
N CYS A 51 -6.16 -0.10 -2.26
CA CYS A 51 -5.33 0.10 -3.49
C CYS A 51 -5.74 1.47 -4.03
N CYS A 52 -4.81 2.28 -4.39
CA CYS A 52 -5.17 3.62 -4.92
C CYS A 52 -4.45 3.84 -6.23
N GLU A 53 -4.91 4.77 -7.01
CA GLU A 53 -4.25 5.02 -8.31
C GLU A 53 -3.71 6.45 -8.35
N SER A 54 -2.96 6.82 -7.36
CA SER A 54 -2.37 8.18 -7.31
C SER A 54 -0.98 8.06 -6.69
N ASP A 55 -0.07 8.93 -7.04
CA ASP A 55 1.29 8.80 -6.45
C ASP A 55 1.21 9.15 -4.96
N LYS A 56 2.04 8.53 -4.17
CA LYS A 56 2.01 8.80 -2.71
C LYS A 56 0.55 8.85 -2.24
N CYS A 57 -0.28 8.02 -2.81
CA CYS A 57 -1.72 8.02 -2.43
C CYS A 57 -1.91 7.22 -1.14
N ASN A 58 -1.00 6.36 -0.80
CA ASN A 58 -1.14 5.57 0.45
C ASN A 58 -1.28 6.51 1.64
N LEU A 59 -0.96 7.75 1.47
CA LEU A 59 -1.07 8.71 2.61
C LEU A 59 -2.53 9.14 2.77
N ARG A 1 6.01 4.78 -11.30
CA ARG A 1 5.18 5.78 -10.57
C ARG A 1 5.70 5.92 -9.12
N ILE A 2 5.04 6.71 -8.32
CA ILE A 2 5.50 6.89 -6.90
C ILE A 2 4.34 6.73 -5.94
N CYS A 3 4.36 5.71 -5.14
CA CYS A 3 3.25 5.57 -4.17
C CYS A 3 3.78 5.77 -2.76
N TYR A 4 3.03 5.40 -1.76
CA TYR A 4 3.53 5.60 -0.37
C TYR A 4 4.04 4.28 0.20
N ASN A 5 5.12 4.33 0.94
CA ASN A 5 5.69 3.08 1.54
C ASN A 5 5.55 3.12 3.06
N HIS A 6 4.80 4.06 3.59
CA HIS A 6 4.65 4.14 5.06
C HIS A 6 4.04 2.85 5.61
N LEU A 7 4.63 2.33 6.64
CA LEU A 7 4.12 1.07 7.26
C LEU A 7 3.43 1.38 8.60
N GLY A 8 2.19 0.96 8.73
CA GLY A 8 1.40 1.19 10.00
C GLY A 8 2.19 1.96 11.06
N THR A 9 2.90 1.25 11.91
CA THR A 9 3.68 1.93 12.99
C THR A 9 5.10 2.27 12.51
N LYS A 10 5.66 1.44 11.66
CA LYS A 10 7.04 1.72 11.16
C LYS A 10 7.13 3.17 10.69
N PRO A 11 8.29 3.58 10.22
CA PRO A 11 8.50 4.97 9.75
C PRO A 11 7.79 5.16 8.40
N PRO A 12 7.07 6.24 8.29
CA PRO A 12 6.31 6.57 7.08
C PRO A 12 7.21 7.11 5.96
N THR A 13 7.28 6.40 4.87
CA THR A 13 8.12 6.86 3.73
C THR A 13 7.39 6.55 2.42
N THR A 14 7.53 7.38 1.43
CA THR A 14 6.82 7.10 0.15
C THR A 14 7.45 5.89 -0.53
N GLU A 15 7.02 5.59 -1.73
CA GLU A 15 7.58 4.42 -2.45
C GLU A 15 7.57 4.71 -3.96
N THR A 16 8.55 4.22 -4.67
CA THR A 16 8.57 4.46 -6.14
C THR A 16 8.60 3.11 -6.87
N CYS A 17 7.69 2.89 -7.76
CA CYS A 17 7.65 1.59 -8.49
C CYS A 17 7.26 1.83 -9.95
N GLN A 18 6.87 0.79 -10.63
CA GLN A 18 6.41 0.94 -12.03
C GLN A 18 4.89 1.00 -12.04
N GLU A 19 4.29 0.24 -11.16
CA GLU A 19 2.80 0.21 -11.13
C GLU A 19 2.29 1.58 -10.72
N ASP A 20 1.47 2.16 -11.55
CA ASP A 20 0.93 3.51 -11.21
C ASP A 20 -0.08 3.35 -10.09
N SER A 21 -0.40 2.13 -9.75
CA SER A 21 -1.36 1.91 -8.65
C SER A 21 -0.60 1.99 -7.33
N CYS A 22 -1.30 1.96 -6.22
CA CYS A 22 -0.60 2.00 -4.91
C CYS A 22 -1.33 1.02 -4.00
N TYR A 23 -0.65 0.06 -3.46
CA TYR A 23 -1.36 -0.92 -2.60
C TYR A 23 -1.15 -0.59 -1.14
N LYS A 24 -2.20 -0.62 -0.39
CA LYS A 24 -2.08 -0.34 1.05
C LYS A 24 -2.99 -1.30 1.79
N ASN A 25 -2.42 -2.28 2.42
CA ASN A 25 -3.24 -3.29 3.13
C ASN A 25 -2.78 -3.46 4.58
N ILE A 26 -3.50 -4.23 5.35
CA ILE A 26 -3.12 -4.44 6.77
C ILE A 26 -2.41 -5.79 6.94
N TRP A 27 -2.48 -6.64 5.96
CA TRP A 27 -1.81 -7.97 6.08
C TRP A 27 -0.34 -7.77 6.46
N THR A 28 -0.03 -7.83 7.72
CA THR A 28 1.38 -7.67 8.15
C THR A 28 1.57 -8.28 9.54
N PHE A 29 2.58 -9.10 9.71
CA PHE A 29 2.81 -9.74 11.03
C PHE A 29 3.53 -8.77 11.97
N ASP A 30 4.27 -7.84 11.42
CA ASP A 30 5.00 -6.88 12.29
C ASP A 30 4.12 -5.66 12.56
N ASN A 31 4.15 -4.69 11.70
CA ASN A 31 3.33 -3.47 11.90
C ASN A 31 1.84 -3.82 11.68
N ILE A 32 1.11 -2.96 11.02
CA ILE A 32 -0.32 -3.25 10.78
C ILE A 32 -0.68 -2.89 9.34
N ILE A 33 -0.68 -1.62 9.01
CA ILE A 33 -1.01 -1.21 7.61
C ILE A 33 0.26 -1.15 6.80
N ARG A 34 0.18 -1.34 5.51
CA ARG A 34 1.41 -1.26 4.70
C ARG A 34 1.11 -0.64 3.34
N ARG A 35 1.54 0.57 3.16
CA ARG A 35 1.33 1.27 1.86
C ARG A 35 2.44 0.85 0.90
N GLY A 36 2.10 0.52 -0.30
CA GLY A 36 3.11 0.09 -1.28
C GLY A 36 2.72 0.55 -2.67
N CYS A 37 3.07 -0.20 -3.66
CA CYS A 37 2.76 0.20 -5.05
C CYS A 37 1.97 -0.89 -5.79
N GLY A 38 0.83 -0.54 -6.34
CA GLY A 38 0.00 -1.53 -7.07
C GLY A 38 -1.15 -1.94 -6.18
N CYS A 39 -1.67 -3.11 -6.38
CA CYS A 39 -2.79 -3.58 -5.51
C CYS A 39 -2.38 -4.87 -4.80
N PHE A 40 -3.10 -5.24 -3.78
CA PHE A 40 -2.78 -6.50 -3.07
C PHE A 40 -3.02 -7.66 -4.03
N THR A 41 -2.84 -8.86 -3.59
CA THR A 41 -3.03 -10.01 -4.52
C THR A 41 -4.40 -10.69 -4.34
N PRO A 42 -4.78 -10.98 -3.12
CA PRO A 42 -6.05 -11.66 -2.85
C PRO A 42 -7.18 -10.66 -2.69
N ARG A 43 -7.26 -9.68 -3.55
CA ARG A 43 -8.37 -8.69 -3.41
C ARG A 43 -9.69 -9.45 -3.36
N GLY A 44 -10.64 -8.94 -2.63
CA GLY A 44 -11.94 -9.65 -2.56
C GLY A 44 -12.82 -9.03 -1.49
N ASP A 45 -13.81 -9.75 -1.02
CA ASP A 45 -14.71 -9.20 0.03
C ASP A 45 -14.21 -9.60 1.43
N MET A 46 -13.42 -10.64 1.54
CA MET A 46 -12.95 -11.04 2.89
C MET A 46 -12.09 -9.93 3.50
N PRO A 47 -10.98 -9.62 2.86
CA PRO A 47 -10.09 -8.56 3.33
C PRO A 47 -10.62 -7.20 2.87
N GLY A 48 -9.98 -6.12 3.25
CA GLY A 48 -10.46 -4.80 2.82
C GLY A 48 -9.31 -3.79 2.78
N PRO A 49 -8.28 -4.13 2.04
CA PRO A 49 -7.10 -3.27 1.89
C PRO A 49 -7.43 -2.13 0.91
N TYR A 50 -6.49 -1.26 0.63
CA TYR A 50 -6.83 -0.13 -0.30
C TYR A 50 -5.78 0.08 -1.40
N CYS A 51 -6.05 -0.40 -2.58
CA CYS A 51 -5.12 -0.15 -3.73
C CYS A 51 -5.50 1.23 -4.27
N CYS A 52 -4.65 1.87 -5.00
CA CYS A 52 -5.03 3.21 -5.54
C CYS A 52 -4.29 3.48 -6.83
N GLU A 53 -4.77 4.40 -7.60
CA GLU A 53 -4.09 4.71 -8.89
C GLU A 53 -3.65 6.17 -8.91
N SER A 54 -2.79 6.54 -8.01
CA SER A 54 -2.27 7.94 -7.96
C SER A 54 -0.96 7.94 -7.18
N ASP A 55 -0.06 8.81 -7.51
CA ASP A 55 1.23 8.82 -6.78
C ASP A 55 0.99 9.29 -5.34
N LYS A 56 1.78 8.80 -4.42
CA LYS A 56 1.58 9.20 -3.00
C LYS A 56 0.09 9.16 -2.66
N CYS A 57 -0.62 8.21 -3.20
CA CYS A 57 -2.08 8.13 -2.92
C CYS A 57 -2.36 7.27 -1.68
N ASN A 58 -1.48 6.37 -1.34
CA ASN A 58 -1.74 5.53 -0.14
C ASN A 58 -1.05 6.13 1.08
N LEU A 59 -1.48 7.30 1.47
CA LEU A 59 -0.87 7.96 2.67
C LEU A 59 -1.87 7.92 3.83
N ARG A 1 5.17 4.50 -11.33
CA ARG A 1 4.66 5.63 -10.51
C ARG A 1 5.22 5.52 -9.08
N ILE A 2 5.17 6.58 -8.31
CA ILE A 2 5.72 6.49 -6.92
C ILE A 2 4.59 6.45 -5.93
N CYS A 3 4.56 5.46 -5.10
CA CYS A 3 3.48 5.42 -4.09
C CYS A 3 4.11 5.52 -2.70
N TYR A 4 3.34 5.36 -1.67
CA TYR A 4 3.93 5.48 -0.31
C TYR A 4 4.24 4.10 0.27
N ASN A 5 5.32 3.98 1.00
CA ASN A 5 5.70 2.68 1.61
C ASN A 5 5.58 2.77 3.14
N HIS A 6 5.12 3.89 3.64
CA HIS A 6 5.00 4.02 5.12
C HIS A 6 4.24 2.82 5.68
N LEU A 7 4.77 2.25 6.72
CA LEU A 7 4.10 1.07 7.34
C LEU A 7 3.45 1.45 8.67
N GLY A 8 2.20 1.07 8.85
CA GLY A 8 1.44 1.37 10.12
C GLY A 8 2.17 2.40 10.99
N THR A 9 2.90 1.94 11.98
CA THR A 9 3.63 2.89 12.88
C THR A 9 5.10 2.93 12.48
N LYS A 10 5.54 1.98 11.71
CA LYS A 10 6.97 1.96 11.27
C LYS A 10 7.33 3.34 10.70
N PRO A 11 8.54 3.50 10.24
CA PRO A 11 9.00 4.77 9.67
C PRO A 11 8.35 4.96 8.29
N PRO A 12 7.73 6.10 8.11
CA PRO A 12 7.01 6.40 6.85
C PRO A 12 7.99 6.74 5.72
N THR A 13 7.94 5.97 4.66
CA THR A 13 8.83 6.24 3.50
C THR A 13 8.05 5.96 2.23
N THR A 14 8.27 6.71 1.19
CA THR A 14 7.52 6.47 -0.06
C THR A 14 7.99 5.18 -0.73
N GLU A 15 7.48 4.88 -1.87
CA GLU A 15 7.89 3.64 -2.59
C GLU A 15 7.73 3.85 -4.09
N THR A 16 8.78 3.73 -4.83
CA THR A 16 8.67 3.92 -6.30
C THR A 16 8.47 2.57 -6.98
N CYS A 17 7.43 2.45 -7.75
CA CYS A 17 7.17 1.16 -8.45
C CYS A 17 6.65 1.46 -9.86
N GLN A 18 6.23 0.46 -10.57
CA GLN A 18 5.72 0.69 -11.95
C GLN A 18 4.21 0.86 -11.94
N GLU A 19 3.55 0.19 -11.05
CA GLU A 19 2.07 0.29 -11.03
C GLU A 19 1.66 1.72 -10.70
N ASP A 20 0.68 2.22 -11.38
CA ASP A 20 0.23 3.61 -11.14
C ASP A 20 -0.70 3.63 -9.92
N SER A 21 -1.07 2.48 -9.42
CA SER A 21 -1.96 2.48 -8.24
C SER A 21 -1.11 2.46 -6.97
N CYS A 22 -1.74 2.49 -5.83
CA CYS A 22 -0.98 2.44 -4.55
C CYS A 22 -1.89 1.75 -3.56
N TYR A 23 -1.43 0.69 -2.94
CA TYR A 23 -2.35 0.00 -2.00
C TYR A 23 -2.05 0.34 -0.56
N LYS A 24 -3.07 0.39 0.22
CA LYS A 24 -2.92 0.65 1.67
C LYS A 24 -3.80 -0.33 2.42
N ASN A 25 -3.22 -1.37 2.93
CA ASN A 25 -4.04 -2.41 3.63
C ASN A 25 -3.79 -2.35 5.14
N ILE A 26 -4.79 -2.68 5.91
CA ILE A 26 -4.64 -2.63 7.39
C ILE A 26 -4.16 -3.97 7.93
N TRP A 27 -4.33 -5.03 7.20
CA TRP A 27 -3.87 -6.36 7.69
C TRP A 27 -2.56 -6.75 7.01
N THR A 28 -1.72 -7.46 7.71
CA THR A 28 -0.42 -7.89 7.12
C THR A 28 0.10 -9.10 7.90
N PHE A 29 1.35 -9.44 7.75
CA PHE A 29 1.89 -10.60 8.48
C PHE A 29 2.31 -10.18 9.90
N ASP A 30 3.02 -9.10 10.02
CA ASP A 30 3.46 -8.65 11.37
C ASP A 30 3.00 -7.21 11.62
N ASN A 31 3.12 -6.35 10.64
CA ASN A 31 2.69 -4.93 10.85
C ASN A 31 1.17 -4.83 10.73
N ILE A 32 0.67 -3.66 10.39
CA ILE A 32 -0.80 -3.49 10.26
C ILE A 32 -1.13 -2.71 8.99
N ILE A 33 -0.79 -1.45 8.95
CA ILE A 33 -1.08 -0.65 7.73
C ILE A 33 0.13 -0.67 6.81
N ARG A 34 -0.09 -0.81 5.53
CA ARG A 34 1.06 -0.81 4.61
C ARG A 34 0.72 -0.18 3.27
N ARG A 35 1.29 0.95 3.01
CA ARG A 35 1.06 1.65 1.72
C ARG A 35 2.03 1.11 0.68
N GLY A 36 1.56 0.74 -0.48
CA GLY A 36 2.48 0.21 -1.52
C GLY A 36 2.03 0.68 -2.91
N CYS A 37 2.71 0.28 -3.94
CA CYS A 37 2.32 0.71 -5.32
C CYS A 37 1.53 -0.42 -5.99
N GLY A 38 0.31 -0.18 -6.35
CA GLY A 38 -0.51 -1.24 -6.98
C GLY A 38 -1.31 -1.90 -5.87
N CYS A 39 -1.69 -3.11 -6.05
CA CYS A 39 -2.45 -3.80 -4.97
C CYS A 39 -1.58 -4.90 -4.38
N PHE A 40 -1.88 -5.34 -3.21
CA PHE A 40 -1.04 -6.40 -2.59
C PHE A 40 -1.16 -7.70 -3.39
N THR A 41 -0.34 -8.67 -3.11
CA THR A 41 -0.37 -9.94 -3.89
C THR A 41 -1.55 -10.84 -3.50
N PRO A 42 -1.78 -11.01 -2.23
CA PRO A 42 -2.86 -11.89 -1.73
C PRO A 42 -4.21 -11.18 -1.75
N ARG A 43 -4.53 -10.50 -2.82
CA ARG A 43 -5.84 -9.81 -2.88
C ARG A 43 -6.98 -10.83 -2.84
N GLY A 44 -8.19 -10.37 -2.83
CA GLY A 44 -9.34 -11.29 -2.80
C GLY A 44 -10.55 -10.61 -2.17
N ASP A 45 -11.54 -11.36 -1.80
CA ASP A 45 -12.76 -10.76 -1.19
C ASP A 45 -12.60 -10.72 0.33
N MET A 46 -11.47 -11.16 0.84
CA MET A 46 -11.27 -11.16 2.31
C MET A 46 -10.74 -9.81 2.79
N PRO A 47 -9.70 -9.33 2.16
CA PRO A 47 -9.06 -8.06 2.52
C PRO A 47 -9.80 -6.87 1.93
N GLY A 48 -9.67 -5.74 2.54
CA GLY A 48 -10.34 -4.51 2.06
C GLY A 48 -9.40 -3.32 2.20
N PRO A 49 -8.30 -3.39 1.48
CA PRO A 49 -7.27 -2.33 1.51
C PRO A 49 -7.72 -1.11 0.71
N TYR A 50 -6.80 -0.27 0.34
CA TYR A 50 -7.17 0.94 -0.44
C TYR A 50 -6.28 1.06 -1.66
N CYS A 51 -6.60 0.37 -2.72
CA CYS A 51 -5.79 0.47 -3.97
C CYS A 51 -6.15 1.79 -4.65
N CYS A 52 -5.30 2.76 -4.59
CA CYS A 52 -5.62 4.06 -5.24
C CYS A 52 -4.90 4.13 -6.56
N GLU A 53 -5.31 5.00 -7.42
CA GLU A 53 -4.61 5.10 -8.74
C GLU A 53 -4.04 6.50 -8.92
N SER A 54 -3.12 6.86 -8.08
CA SER A 54 -2.46 8.19 -8.16
C SER A 54 -1.11 8.11 -7.45
N ASP A 55 -0.20 8.97 -7.78
CA ASP A 55 1.12 8.90 -7.09
C ASP A 55 0.96 9.31 -5.65
N LYS A 56 1.85 8.83 -4.81
CA LYS A 56 1.77 9.16 -3.35
C LYS A 56 0.31 9.23 -2.92
N CYS A 57 -0.53 8.39 -3.46
CA CYS A 57 -1.98 8.44 -3.11
C CYS A 57 -2.29 7.66 -1.83
N ASN A 58 -1.44 6.77 -1.38
CA ASN A 58 -1.78 6.01 -0.16
C ASN A 58 -1.43 6.82 1.09
N LEU A 59 -1.21 8.10 0.96
CA LEU A 59 -0.90 8.91 2.17
C LEU A 59 -1.67 10.23 2.10
N ARG A 1 3.62 4.87 -10.36
CA ARG A 1 4.70 5.88 -10.48
C ARG A 1 5.45 5.97 -9.14
N ILE A 2 4.91 6.70 -8.19
CA ILE A 2 5.60 6.79 -6.87
C ILE A 2 4.62 6.53 -5.75
N CYS A 3 4.76 5.45 -5.06
CA CYS A 3 3.82 5.21 -3.95
C CYS A 3 4.61 5.07 -2.65
N TYR A 4 3.94 5.10 -1.52
CA TYR A 4 4.69 4.95 -0.24
C TYR A 4 5.05 3.49 -0.07
N ASN A 5 6.13 3.22 0.61
CA ASN A 5 6.57 1.82 0.80
C ASN A 5 6.49 1.38 2.27
N HIS A 6 6.71 2.26 3.21
CA HIS A 6 6.71 1.79 4.63
C HIS A 6 5.35 1.28 5.05
N LEU A 7 5.35 0.56 6.14
CA LEU A 7 4.09 -0.04 6.67
C LEU A 7 3.62 0.69 7.93
N GLY A 8 2.33 0.69 8.14
CA GLY A 8 1.76 1.34 9.35
C GLY A 8 1.36 2.78 9.05
N THR A 9 0.57 3.38 9.90
CA THR A 9 0.14 4.79 9.66
C THR A 9 1.32 5.75 9.80
N LYS A 10 2.41 5.30 10.35
CA LYS A 10 3.59 6.19 10.48
C LYS A 10 3.98 6.69 9.09
N PRO A 11 4.79 7.72 9.03
CA PRO A 11 5.25 8.29 7.76
C PRO A 11 6.24 7.32 7.10
N PRO A 12 5.82 6.70 6.03
CA PRO A 12 6.62 5.71 5.31
C PRO A 12 7.60 6.39 4.35
N THR A 13 8.30 5.62 3.55
CA THR A 13 9.25 6.22 2.58
C THR A 13 8.75 5.93 1.16
N THR A 14 8.54 6.94 0.37
CA THR A 14 8.03 6.67 -1.01
C THR A 14 8.95 5.70 -1.73
N GLU A 15 8.35 4.89 -2.56
CA GLU A 15 9.15 3.91 -3.33
C GLU A 15 8.60 3.90 -4.77
N THR A 16 9.35 4.39 -5.70
CA THR A 16 8.85 4.40 -7.09
C THR A 16 8.71 2.97 -7.59
N CYS A 17 7.63 2.68 -8.25
CA CYS A 17 7.42 1.30 -8.77
C CYS A 17 6.81 1.37 -10.16
N GLN A 18 6.33 0.27 -10.67
CA GLN A 18 5.72 0.29 -12.03
C GLN A 18 4.23 0.52 -11.91
N GLU A 19 3.61 -0.12 -10.97
CA GLU A 19 2.14 0.04 -10.82
C GLU A 19 1.86 1.47 -10.39
N ASP A 20 1.02 2.15 -11.12
CA ASP A 20 0.69 3.56 -10.73
C ASP A 20 -0.25 3.51 -9.54
N SER A 21 -0.70 2.35 -9.18
CA SER A 21 -1.60 2.25 -8.02
C SER A 21 -0.74 2.21 -6.76
N CYS A 22 -1.34 2.27 -5.60
CA CYS A 22 -0.54 2.21 -4.35
C CYS A 22 -1.33 1.40 -3.33
N TYR A 23 -0.73 0.43 -2.71
CA TYR A 23 -1.51 -0.37 -1.73
C TYR A 23 -1.13 0.03 -0.33
N LYS A 24 -2.12 0.25 0.47
CA LYS A 24 -1.91 0.67 1.89
C LYS A 24 -2.87 -0.13 2.75
N ASN A 25 -2.61 -1.37 2.86
CA ASN A 25 -3.51 -2.27 3.65
C ASN A 25 -2.80 -2.83 4.88
N ILE A 26 -3.53 -3.56 5.69
CA ILE A 26 -2.96 -4.13 6.95
C ILE A 26 -2.13 -5.38 6.67
N TRP A 27 -2.55 -6.19 5.74
CA TRP A 27 -1.78 -7.43 5.45
C TRP A 27 -0.29 -7.08 5.35
N THR A 28 0.46 -7.42 6.36
CA THR A 28 1.91 -7.10 6.34
C THR A 28 2.66 -8.04 7.29
N PHE A 29 3.73 -7.57 7.89
CA PHE A 29 4.50 -8.44 8.82
C PHE A 29 3.56 -9.18 9.77
N ASP A 30 2.98 -8.50 10.71
CA ASP A 30 2.05 -9.18 11.66
C ASP A 30 0.73 -8.40 11.73
N ASN A 31 0.76 -7.20 12.25
CA ASN A 31 -0.49 -6.40 12.35
C ASN A 31 -0.20 -4.93 12.05
N ILE A 32 0.21 -4.63 10.85
CA ILE A 32 0.51 -3.21 10.51
C ILE A 32 0.00 -2.90 9.12
N ILE A 33 -0.06 -1.66 8.77
CA ILE A 33 -0.53 -1.28 7.41
C ILE A 33 0.65 -1.37 6.46
N ARG A 34 0.43 -1.41 5.18
CA ARG A 34 1.61 -1.47 4.27
C ARG A 34 1.37 -0.61 3.05
N ARG A 35 2.10 0.47 2.97
CA ARG A 35 1.97 1.38 1.80
C ARG A 35 2.94 0.92 0.72
N GLY A 36 2.43 0.55 -0.43
CA GLY A 36 3.33 0.10 -1.52
C GLY A 36 2.79 0.59 -2.87
N CYS A 37 3.25 0.02 -3.95
CA CYS A 37 2.76 0.46 -5.30
C CYS A 37 1.94 -0.67 -5.93
N GLY A 38 0.66 -0.46 -6.09
CA GLY A 38 -0.19 -1.52 -6.68
C GLY A 38 -1.27 -1.86 -5.67
N CYS A 39 -1.92 -2.97 -5.82
CA CYS A 39 -2.97 -3.35 -4.84
C CYS A 39 -2.46 -4.49 -3.97
N PHE A 40 -3.34 -5.10 -3.23
CA PHE A 40 -2.92 -6.21 -2.33
C PHE A 40 -2.87 -7.51 -3.15
N THR A 41 -2.53 -8.59 -2.51
CA THR A 41 -2.43 -9.89 -3.24
C THR A 41 -3.75 -10.67 -3.21
N PRO A 42 -4.33 -10.83 -2.06
CA PRO A 42 -5.57 -11.59 -1.89
C PRO A 42 -6.76 -10.69 -2.16
N ARG A 43 -6.72 -9.93 -3.22
CA ARG A 43 -7.87 -9.03 -3.51
C ARG A 43 -9.16 -9.84 -3.51
N GLY A 44 -10.16 -9.33 -2.87
CA GLY A 44 -11.45 -10.06 -2.82
C GLY A 44 -12.41 -9.35 -1.86
N ASP A 45 -13.52 -9.96 -1.56
CA ASP A 45 -14.49 -9.30 -0.64
C ASP A 45 -14.24 -9.77 0.81
N MET A 46 -13.36 -10.71 1.00
CA MET A 46 -13.10 -11.20 2.39
C MET A 46 -12.27 -10.15 3.15
N PRO A 47 -11.12 -9.82 2.62
CA PRO A 47 -10.24 -8.82 3.24
C PRO A 47 -10.69 -7.42 2.85
N GLY A 48 -10.24 -6.42 3.53
CA GLY A 48 -10.66 -5.04 3.18
C GLY A 48 -9.46 -4.10 3.14
N PRO A 49 -8.49 -4.44 2.33
CA PRO A 49 -7.27 -3.63 2.18
C PRO A 49 -7.55 -2.45 1.25
N TYR A 50 -6.57 -1.63 0.95
CA TYR A 50 -6.85 -0.47 0.06
C TYR A 50 -5.82 -0.37 -1.07
N CYS A 51 -6.25 0.16 -2.18
CA CYS A 51 -5.37 0.38 -3.37
C CYS A 51 -5.70 1.76 -3.90
N CYS A 52 -4.73 2.50 -4.33
CA CYS A 52 -5.02 3.86 -4.84
C CYS A 52 -4.27 4.08 -6.13
N GLU A 53 -4.70 5.02 -6.91
CA GLU A 53 -4.01 5.29 -8.20
C GLU A 53 -3.47 6.73 -8.19
N SER A 54 -2.52 6.99 -7.35
CA SER A 54 -1.94 8.36 -7.28
C SER A 54 -0.57 8.25 -6.62
N ASP A 55 0.35 9.10 -6.97
CA ASP A 55 1.69 9.00 -6.35
C ASP A 55 1.58 9.39 -4.89
N LYS A 56 2.26 8.67 -4.04
CA LYS A 56 2.20 9.00 -2.58
C LYS A 56 0.74 8.97 -2.12
N CYS A 57 -0.03 8.05 -2.62
CA CYS A 57 -1.46 7.98 -2.23
C CYS A 57 -1.65 7.14 -0.96
N ASN A 58 -0.79 6.17 -0.72
CA ASN A 58 -0.95 5.33 0.50
C ASN A 58 -1.27 6.21 1.70
N LEU A 59 -0.85 7.42 1.68
CA LEU A 59 -1.12 8.32 2.84
C LEU A 59 -2.31 9.23 2.52
N ARG A 1 4.22 4.78 -10.45
CA ARG A 1 4.93 6.06 -10.18
C ARG A 1 5.34 6.14 -8.70
N ILE A 2 5.18 7.24 -8.01
CA ILE A 2 5.63 7.29 -6.57
C ILE A 2 4.53 6.89 -5.60
N CYS A 3 4.60 5.71 -5.03
CA CYS A 3 3.54 5.33 -4.07
C CYS A 3 3.98 5.66 -2.64
N TYR A 4 3.17 5.32 -1.67
CA TYR A 4 3.55 5.59 -0.26
C TYR A 4 4.14 4.31 0.32
N ASN A 5 5.21 4.43 1.07
CA ASN A 5 5.85 3.23 1.67
C ASN A 5 5.74 3.31 3.21
N HIS A 6 4.75 4.03 3.71
CA HIS A 6 4.60 4.15 5.19
C HIS A 6 4.32 2.75 5.78
N LEU A 7 4.94 2.44 6.88
CA LEU A 7 4.73 1.11 7.50
C LEU A 7 3.88 1.23 8.77
N GLY A 8 2.69 0.67 8.76
CA GLY A 8 1.79 0.71 9.97
C GLY A 8 2.03 1.99 10.79
N THR A 9 2.37 1.83 12.05
CA THR A 9 2.59 3.02 12.92
C THR A 9 4.07 3.43 12.88
N LYS A 10 4.79 3.00 11.88
CA LYS A 10 6.23 3.37 11.79
C LYS A 10 6.34 4.73 11.06
N PRO A 11 7.52 5.13 10.66
CA PRO A 11 7.70 6.41 9.97
C PRO A 11 7.21 6.28 8.52
N PRO A 12 6.40 7.22 8.10
CA PRO A 12 5.82 7.22 6.74
C PRO A 12 6.82 7.70 5.69
N THR A 13 7.01 6.92 4.66
CA THR A 13 7.94 7.33 3.59
C THR A 13 7.38 6.88 2.24
N THR A 14 7.53 7.68 1.22
CA THR A 14 6.99 7.27 -0.11
C THR A 14 8.11 6.64 -0.93
N GLU A 15 7.76 5.95 -1.98
CA GLU A 15 8.81 5.31 -2.82
C GLU A 15 8.34 5.33 -4.28
N THR A 16 9.16 4.86 -5.19
CA THR A 16 8.75 4.86 -6.61
C THR A 16 8.60 3.41 -7.10
N CYS A 17 7.60 3.15 -7.89
CA CYS A 17 7.40 1.77 -8.39
C CYS A 17 6.95 1.83 -9.86
N GLN A 18 6.68 0.70 -10.45
CA GLN A 18 6.23 0.70 -11.87
C GLN A 18 4.72 0.69 -11.94
N GLU A 19 4.10 -0.12 -11.13
CA GLU A 19 2.61 -0.16 -11.18
C GLU A 19 2.09 1.19 -10.72
N ASP A 20 1.34 1.86 -11.55
CA ASP A 20 0.80 3.18 -11.11
C ASP A 20 -0.13 2.94 -9.94
N SER A 21 -0.45 1.70 -9.66
CA SER A 21 -1.34 1.41 -8.53
C SER A 21 -0.54 1.43 -7.23
N CYS A 22 -1.09 1.95 -6.17
CA CYS A 22 -0.37 1.98 -4.88
C CYS A 22 -1.29 1.31 -3.89
N TYR A 23 -0.88 0.22 -3.33
CA TYR A 23 -1.79 -0.48 -2.41
C TYR A 23 -1.33 -0.40 -0.98
N LYS A 24 -2.25 -0.08 -0.15
CA LYS A 24 -1.98 0.03 1.29
C LYS A 24 -2.94 -0.91 2.00
N ASN A 25 -2.41 -1.94 2.56
CA ASN A 25 -3.25 -2.98 3.23
C ASN A 25 -2.83 -3.15 4.69
N ILE A 26 -3.68 -3.76 5.48
CA ILE A 26 -3.35 -3.99 6.91
C ILE A 26 -2.67 -5.35 7.04
N TRP A 27 -2.95 -6.24 6.14
CA TRP A 27 -2.32 -7.59 6.21
C TRP A 27 -0.81 -7.45 6.05
N THR A 28 -0.05 -8.02 6.94
CA THR A 28 1.43 -7.90 6.83
C THR A 28 2.10 -9.02 7.62
N PHE A 29 3.28 -8.78 8.13
CA PHE A 29 3.98 -9.84 8.90
C PHE A 29 4.03 -9.45 10.38
N ASP A 30 4.88 -8.52 10.73
CA ASP A 30 4.97 -8.11 12.16
C ASP A 30 4.46 -6.67 12.31
N ASN A 31 4.39 -5.94 11.24
CA ASN A 31 3.88 -4.54 11.32
C ASN A 31 2.36 -4.56 11.17
N ILE A 32 1.80 -3.66 10.40
CA ILE A 32 0.32 -3.64 10.25
C ILE A 32 -0.06 -3.04 8.90
N ILE A 33 0.10 -1.75 8.72
CA ILE A 33 -0.26 -1.13 7.42
C ILE A 33 0.96 -1.15 6.51
N ARG A 34 0.74 -1.32 5.24
CA ARG A 34 1.89 -1.33 4.30
C ARG A 34 1.49 -0.72 2.98
N ARG A 35 2.06 0.40 2.67
CA ARG A 35 1.75 1.09 1.38
C ARG A 35 2.81 0.72 0.35
N GLY A 36 2.40 0.07 -0.72
CA GLY A 36 3.37 -0.33 -1.77
C GLY A 36 2.86 0.10 -3.14
N CYS A 37 3.19 -0.66 -4.14
CA CYS A 37 2.74 -0.33 -5.53
C CYS A 37 2.05 -1.55 -6.11
N GLY A 38 0.82 -1.42 -6.51
CA GLY A 38 0.11 -2.60 -7.05
C GLY A 38 -0.88 -3.06 -6.01
N CYS A 39 -2.07 -3.39 -6.41
CA CYS A 39 -3.11 -3.80 -5.41
C CYS A 39 -2.64 -5.04 -4.64
N PHE A 40 -3.32 -5.34 -3.56
CA PHE A 40 -2.93 -6.52 -2.73
C PHE A 40 -3.16 -7.79 -3.54
N THR A 41 -2.90 -8.92 -2.94
CA THR A 41 -3.07 -10.20 -3.68
C THR A 41 -4.49 -10.78 -3.51
N PRO A 42 -4.93 -10.95 -2.29
CA PRO A 42 -6.25 -11.55 -2.00
C PRO A 42 -7.35 -10.48 -2.03
N ARG A 43 -7.39 -9.66 -3.04
CA ARG A 43 -8.47 -8.64 -3.10
C ARG A 43 -9.82 -9.35 -2.97
N GLY A 44 -10.83 -8.65 -2.56
CA GLY A 44 -12.15 -9.30 -2.43
C GLY A 44 -13.05 -8.51 -1.48
N ASP A 45 -14.17 -9.06 -1.12
CA ASP A 45 -15.10 -8.34 -0.21
C ASP A 45 -14.84 -8.76 1.25
N MET A 46 -13.97 -9.72 1.47
CA MET A 46 -13.70 -10.14 2.87
C MET A 46 -12.68 -9.19 3.50
N PRO A 47 -11.59 -8.99 2.82
CA PRO A 47 -10.53 -8.09 3.29
C PRO A 47 -10.86 -6.64 2.89
N GLY A 48 -10.20 -5.68 3.45
CA GLY A 48 -10.51 -4.28 3.08
C GLY A 48 -9.25 -3.42 3.05
N PRO A 49 -8.26 -3.85 2.30
CA PRO A 49 -7.00 -3.11 2.16
C PRO A 49 -7.18 -1.95 1.17
N TYR A 50 -6.11 -1.37 0.70
CA TYR A 50 -6.28 -0.21 -0.23
C TYR A 50 -5.44 -0.34 -1.51
N CYS A 51 -5.88 0.32 -2.55
CA CYS A 51 -5.15 0.33 -3.86
C CYS A 51 -5.58 1.60 -4.60
N CYS A 52 -4.68 2.21 -5.30
CA CYS A 52 -5.03 3.45 -6.04
C CYS A 52 -4.06 3.60 -7.17
N GLU A 53 -4.42 4.33 -8.18
CA GLU A 53 -3.50 4.50 -9.33
C GLU A 53 -2.94 5.93 -9.37
N SER A 54 -2.20 6.30 -8.37
CA SER A 54 -1.62 7.67 -8.35
C SER A 54 -0.45 7.69 -7.36
N ASP A 55 0.43 8.64 -7.46
CA ASP A 55 1.55 8.64 -6.49
C ASP A 55 1.07 9.06 -5.12
N LYS A 56 1.79 8.67 -4.12
CA LYS A 56 1.39 9.01 -2.72
C LYS A 56 -0.12 8.84 -2.58
N CYS A 57 -0.72 7.96 -3.35
CA CYS A 57 -2.19 7.76 -3.26
C CYS A 57 -2.57 6.93 -2.03
N ASN A 58 -1.68 6.10 -1.54
CA ASN A 58 -2.03 5.29 -0.36
C ASN A 58 -1.49 5.96 0.90
N LEU A 59 -1.62 7.26 0.98
CA LEU A 59 -1.14 8.00 2.18
C LEU A 59 -2.05 7.69 3.37
N ARG A 1 4.05 3.57 -9.99
CA ARG A 1 4.44 5.01 -9.97
C ARG A 1 4.91 5.38 -8.56
N ILE A 2 4.78 6.62 -8.15
CA ILE A 2 5.23 6.98 -6.77
C ILE A 2 4.12 6.70 -5.77
N CYS A 3 4.29 5.73 -4.92
CA CYS A 3 3.22 5.49 -3.92
C CYS A 3 3.83 5.61 -2.51
N TYR A 4 3.00 5.64 -1.50
CA TYR A 4 3.56 5.77 -0.12
C TYR A 4 4.11 4.41 0.33
N ASN A 5 5.24 4.42 0.97
CA ASN A 5 5.84 3.14 1.45
C ASN A 5 5.83 3.16 2.98
N HIS A 6 4.96 3.91 3.58
CA HIS A 6 4.90 3.97 5.06
C HIS A 6 4.38 2.65 5.62
N LEU A 7 4.97 2.21 6.69
CA LEU A 7 4.53 0.92 7.32
C LEU A 7 3.75 1.19 8.60
N GLY A 8 2.53 0.69 8.67
CA GLY A 8 1.66 0.87 9.89
C GLY A 8 2.25 1.87 10.90
N THR A 9 3.01 1.39 11.85
CA THR A 9 3.58 2.30 12.87
C THR A 9 5.02 2.71 12.50
N LYS A 10 5.72 1.88 11.77
CA LYS A 10 7.12 2.23 11.38
C LYS A 10 7.14 3.65 10.81
N PRO A 11 8.31 4.12 10.44
CA PRO A 11 8.46 5.47 9.88
C PRO A 11 7.88 5.49 8.46
N PRO A 12 7.03 6.46 8.20
CA PRO A 12 6.35 6.59 6.92
C PRO A 12 7.27 7.16 5.84
N THR A 13 7.39 6.47 4.74
CA THR A 13 8.25 6.97 3.62
C THR A 13 7.59 6.64 2.28
N THR A 14 7.71 7.50 1.32
CA THR A 14 7.09 7.21 0.01
C THR A 14 8.02 6.32 -0.80
N GLU A 15 7.58 5.86 -1.93
CA GLU A 15 8.45 4.97 -2.75
C GLU A 15 8.05 5.09 -4.23
N THR A 16 8.71 4.35 -5.08
CA THR A 16 8.37 4.41 -6.53
C THR A 16 8.38 2.99 -7.11
N CYS A 17 7.39 2.66 -7.88
CA CYS A 17 7.34 1.30 -8.48
C CYS A 17 6.81 1.41 -9.90
N GLN A 18 6.42 0.32 -10.50
CA GLN A 18 5.92 0.37 -11.89
C GLN A 18 4.41 0.47 -11.92
N GLU A 19 3.76 -0.28 -11.08
CA GLU A 19 2.27 -0.26 -11.10
C GLU A 19 1.79 1.13 -10.72
N ASP A 20 0.93 1.69 -11.51
CA ASP A 20 0.40 3.06 -11.21
C ASP A 20 -0.52 2.96 -10.01
N SER A 21 -0.80 1.77 -9.55
CA SER A 21 -1.70 1.63 -8.38
C SER A 21 -0.88 1.84 -7.09
N CYS A 22 -1.54 1.99 -5.98
CA CYS A 22 -0.81 2.15 -4.68
C CYS A 22 -1.64 1.40 -3.63
N TYR A 23 -1.09 0.40 -3.01
CA TYR A 23 -1.90 -0.36 -2.02
C TYR A 23 -1.54 0.03 -0.61
N LYS A 24 -2.54 0.29 0.18
CA LYS A 24 -2.31 0.65 1.60
C LYS A 24 -3.37 -0.09 2.39
N ASN A 25 -3.01 -1.21 2.91
CA ASN A 25 -3.98 -2.05 3.64
C ASN A 25 -3.86 -1.81 5.14
N ILE A 26 -4.80 -2.30 5.90
CA ILE A 26 -4.76 -2.08 7.38
C ILE A 26 -4.12 -3.29 8.07
N TRP A 27 -4.04 -4.40 7.41
CA TRP A 27 -3.43 -5.59 8.05
C TRP A 27 -2.38 -6.21 7.14
N THR A 28 -1.61 -7.12 7.68
CA THR A 28 -0.56 -7.78 6.87
C THR A 28 -0.19 -9.11 7.54
N PHE A 29 0.57 -9.94 6.89
CA PHE A 29 0.95 -11.24 7.52
C PHE A 29 1.52 -10.97 8.91
N ASP A 30 2.40 -10.01 9.03
CA ASP A 30 3.00 -9.70 10.36
C ASP A 30 2.82 -8.20 10.66
N ASN A 31 2.98 -7.36 9.66
CA ASN A 31 2.83 -5.90 9.88
C ASN A 31 1.34 -5.55 9.99
N ILE A 32 1.03 -4.28 10.05
CA ILE A 32 -0.41 -3.86 10.15
C ILE A 32 -0.81 -3.10 8.89
N ILE A 33 -0.31 -1.90 8.73
CA ILE A 33 -0.67 -1.11 7.52
C ILE A 33 0.52 -1.07 6.57
N ARG A 34 0.30 -1.14 5.31
CA ARG A 34 1.45 -1.08 4.38
C ARG A 34 1.07 -0.38 3.07
N ARG A 35 1.63 0.77 2.86
CA ARG A 35 1.36 1.53 1.61
C ARG A 35 2.44 1.18 0.57
N GLY A 36 2.06 0.95 -0.65
CA GLY A 36 3.06 0.60 -1.69
C GLY A 36 2.52 0.92 -3.08
N CYS A 37 2.96 0.20 -4.07
CA CYS A 37 2.48 0.43 -5.46
C CYS A 37 1.88 -0.85 -5.99
N GLY A 38 0.62 -0.85 -6.34
CA GLY A 38 -0.01 -2.08 -6.84
C GLY A 38 -0.71 -2.76 -5.67
N CYS A 39 -1.83 -3.35 -5.90
CA CYS A 39 -2.56 -4.03 -4.79
C CYS A 39 -1.69 -5.17 -4.26
N PHE A 40 -1.88 -5.58 -3.04
CA PHE A 40 -1.03 -6.68 -2.49
C PHE A 40 -1.26 -7.99 -3.28
N THR A 41 -0.49 -9.00 -3.00
CA THR A 41 -0.63 -10.28 -3.76
C THR A 41 -1.82 -11.13 -3.29
N PRO A 42 -1.97 -11.29 -1.99
CA PRO A 42 -3.03 -12.11 -1.41
C PRO A 42 -4.34 -11.34 -1.34
N ARG A 43 -4.73 -10.69 -2.41
CA ARG A 43 -6.00 -9.92 -2.39
C ARG A 43 -7.18 -10.86 -2.19
N GLY A 44 -8.32 -10.52 -2.73
CA GLY A 44 -9.51 -11.37 -2.57
C GLY A 44 -10.64 -10.55 -1.94
N ASP A 45 -11.75 -11.17 -1.64
CA ASP A 45 -12.87 -10.41 -1.02
C ASP A 45 -12.72 -10.41 0.50
N MET A 46 -11.60 -10.86 1.00
CA MET A 46 -11.41 -10.89 2.48
C MET A 46 -10.87 -9.55 2.99
N PRO A 47 -9.80 -9.09 2.37
CA PRO A 47 -9.15 -7.83 2.74
C PRO A 47 -9.88 -6.64 2.12
N GLY A 48 -9.73 -5.48 2.71
CA GLY A 48 -10.39 -4.27 2.18
C GLY A 48 -9.42 -3.10 2.29
N PRO A 49 -8.32 -3.21 1.60
CA PRO A 49 -7.25 -2.20 1.60
C PRO A 49 -7.64 -1.00 0.75
N TYR A 50 -6.67 -0.20 0.40
CA TYR A 50 -6.95 0.99 -0.43
C TYR A 50 -5.99 1.04 -1.61
N CYS A 51 -6.28 0.31 -2.67
CA CYS A 51 -5.40 0.36 -3.86
C CYS A 51 -5.68 1.67 -4.59
N CYS A 52 -4.73 2.53 -4.65
CA CYS A 52 -4.96 3.83 -5.35
C CYS A 52 -4.31 3.75 -6.70
N GLU A 53 -4.52 4.74 -7.52
CA GLU A 53 -3.89 4.75 -8.86
C GLU A 53 -3.05 6.02 -9.01
N SER A 54 -3.30 7.01 -8.20
CA SER A 54 -2.50 8.26 -8.26
C SER A 54 -1.26 8.07 -7.40
N ASP A 55 -0.20 8.77 -7.68
CA ASP A 55 1.02 8.59 -6.86
C ASP A 55 0.77 9.14 -5.46
N LYS A 56 1.51 8.66 -4.50
CA LYS A 56 1.33 9.12 -3.10
C LYS A 56 -0.16 9.19 -2.75
N CYS A 57 -0.96 8.33 -3.31
CA CYS A 57 -2.42 8.37 -3.00
C CYS A 57 -2.74 7.55 -1.74
N ASN A 58 -1.85 6.70 -1.30
CA ASN A 58 -2.15 5.90 -0.09
C ASN A 58 -1.59 6.59 1.15
N LEU A 59 -1.61 7.90 1.17
CA LEU A 59 -1.09 8.64 2.36
C LEU A 59 -2.23 8.93 3.33
N ARG A 1 4.30 4.65 -11.00
CA ARG A 1 4.75 6.05 -10.80
C ARG A 1 5.33 6.21 -9.38
N ILE A 2 4.68 6.93 -8.49
CA ILE A 2 5.26 7.08 -7.11
C ILE A 2 4.20 6.90 -6.04
N CYS A 3 4.44 6.02 -5.10
CA CYS A 3 3.47 5.87 -4.00
C CYS A 3 4.22 5.82 -2.67
N TYR A 4 3.53 5.68 -1.56
CA TYR A 4 4.23 5.67 -0.25
C TYR A 4 4.61 4.25 0.18
N ASN A 5 5.71 4.12 0.85
CA ASN A 5 6.16 2.80 1.36
C ASN A 5 6.11 2.83 2.90
N HIS A 6 5.26 3.65 3.45
CA HIS A 6 5.19 3.76 4.93
C HIS A 6 4.47 2.54 5.52
N LEU A 7 5.01 2.01 6.58
CA LEU A 7 4.38 0.83 7.24
C LEU A 7 3.71 1.26 8.56
N GLY A 8 2.44 0.92 8.72
CA GLY A 8 1.67 1.27 9.97
C GLY A 8 2.52 2.05 10.99
N THR A 9 3.14 1.37 11.92
CA THR A 9 3.95 2.06 12.95
C THR A 9 5.41 2.21 12.48
N LYS A 10 5.88 1.30 11.67
CA LYS A 10 7.27 1.39 11.17
C LYS A 10 7.54 2.81 10.65
N PRO A 11 8.74 3.06 10.21
CA PRO A 11 9.11 4.39 9.68
C PRO A 11 8.47 4.60 8.32
N PRO A 12 7.72 5.68 8.19
CA PRO A 12 7.00 6.01 6.95
C PRO A 12 7.94 6.59 5.89
N THR A 13 8.00 5.98 4.75
CA THR A 13 8.87 6.49 3.66
C THR A 13 8.16 6.29 2.32
N THR A 14 8.40 7.12 1.36
CA THR A 14 7.71 6.95 0.06
C THR A 14 8.47 5.95 -0.81
N GLU A 15 7.98 5.70 -1.99
CA GLU A 15 8.65 4.74 -2.89
C GLU A 15 8.32 5.06 -4.35
N THR A 16 8.78 4.25 -5.25
CA THR A 16 8.49 4.47 -6.69
C THR A 16 8.38 3.12 -7.38
N CYS A 17 7.32 2.87 -8.10
CA CYS A 17 7.17 1.55 -8.77
C CYS A 17 6.75 1.74 -10.23
N GLN A 18 6.37 0.67 -10.86
CA GLN A 18 5.91 0.76 -12.27
C GLN A 18 4.39 0.89 -12.27
N GLU A 19 3.76 0.17 -11.40
CA GLU A 19 2.28 0.21 -11.34
C GLU A 19 1.85 1.61 -10.93
N ASP A 20 0.90 2.16 -11.61
CA ASP A 20 0.42 3.51 -11.24
C ASP A 20 -0.59 3.34 -10.10
N SER A 21 -0.76 2.13 -9.65
CA SER A 21 -1.72 1.90 -8.55
C SER A 21 -1.02 2.19 -7.22
N CYS A 22 -1.75 2.23 -6.14
CA CYS A 22 -1.15 2.50 -4.81
C CYS A 22 -1.73 1.46 -3.86
N TYR A 23 -0.94 0.73 -3.13
CA TYR A 23 -1.58 -0.28 -2.25
C TYR A 23 -1.45 0.10 -0.78
N LYS A 24 -2.53 -0.04 -0.09
CA LYS A 24 -2.55 0.24 1.38
C LYS A 24 -3.41 -0.83 2.02
N ASN A 25 -2.80 -1.80 2.62
CA ASN A 25 -3.61 -2.90 3.22
C ASN A 25 -3.33 -3.04 4.72
N ILE A 26 -4.09 -3.86 5.38
CA ILE A 26 -3.91 -4.05 6.85
C ILE A 26 -3.50 -5.50 7.15
N TRP A 27 -3.37 -6.30 6.13
CA TRP A 27 -2.98 -7.72 6.35
C TRP A 27 -1.46 -7.83 6.45
N THR A 28 -0.93 -7.70 7.63
CA THR A 28 0.54 -7.80 7.80
C THR A 28 0.86 -8.14 9.25
N PHE A 29 1.66 -9.13 9.48
CA PHE A 29 2.00 -9.52 10.89
C PHE A 29 3.01 -8.54 11.47
N ASP A 30 4.15 -8.40 10.85
CA ASP A 30 5.18 -7.46 11.38
C ASP A 30 4.52 -6.15 11.81
N ASN A 31 3.91 -5.46 10.89
CA ASN A 31 3.24 -4.18 11.25
C ASN A 31 1.72 -4.33 11.07
N ILE A 32 1.06 -3.29 10.64
CA ILE A 32 -0.41 -3.39 10.46
C ILE A 32 -0.79 -2.84 9.07
N ILE A 33 -0.71 -1.56 8.89
CA ILE A 33 -1.06 -0.98 7.56
C ILE A 33 0.18 -0.97 6.67
N ARG A 34 0.00 -1.04 5.39
CA ARG A 34 1.19 -1.02 4.50
C ARG A 34 0.87 -0.26 3.21
N ARG A 35 1.37 0.92 3.13
CA ARG A 35 1.17 1.76 1.91
C ARG A 35 2.29 1.44 0.91
N GLY A 36 1.93 1.13 -0.30
CA GLY A 36 2.97 0.80 -1.32
C GLY A 36 2.51 1.22 -2.72
N CYS A 37 2.91 0.48 -3.71
CA CYS A 37 2.54 0.82 -5.11
C CYS A 37 1.91 -0.40 -5.80
N GLY A 38 0.72 -0.26 -6.34
CA GLY A 38 0.06 -1.41 -7.00
C GLY A 38 -1.09 -1.86 -6.10
N CYS A 39 -1.50 -3.08 -6.22
CA CYS A 39 -2.58 -3.58 -5.35
C CYS A 39 -2.03 -4.66 -4.42
N PHE A 40 -2.81 -5.06 -3.46
CA PHE A 40 -2.34 -6.10 -2.50
C PHE A 40 -2.17 -7.42 -3.24
N THR A 41 -1.87 -8.46 -2.53
CA THR A 41 -1.65 -9.77 -3.19
C THR A 41 -2.96 -10.58 -3.29
N PRO A 42 -3.57 -10.89 -2.16
CA PRO A 42 -4.80 -11.69 -2.14
C PRO A 42 -6.04 -10.81 -2.35
N ARG A 43 -6.07 -10.02 -3.38
CA ARG A 43 -7.27 -9.16 -3.61
C ARG A 43 -8.50 -10.05 -3.63
N GLY A 44 -9.58 -9.61 -3.07
CA GLY A 44 -10.80 -10.43 -3.08
C GLY A 44 -11.87 -9.82 -2.19
N ASP A 45 -12.85 -10.59 -1.80
CA ASP A 45 -13.93 -10.05 -0.92
C ASP A 45 -13.60 -10.30 0.55
N MET A 46 -13.03 -11.42 0.87
CA MET A 46 -12.70 -11.71 2.30
C MET A 46 -11.93 -10.53 2.91
N PRO A 47 -10.86 -10.16 2.25
CA PRO A 47 -10.01 -9.04 2.70
C PRO A 47 -10.61 -7.71 2.23
N GLY A 48 -10.09 -6.61 2.70
CA GLY A 48 -10.64 -5.31 2.27
C GLY A 48 -9.57 -4.21 2.39
N PRO A 49 -8.44 -4.45 1.78
CA PRO A 49 -7.32 -3.48 1.78
C PRO A 49 -7.60 -2.35 0.79
N TYR A 50 -6.63 -1.52 0.49
CA TYR A 50 -6.92 -0.40 -0.45
C TYR A 50 -5.88 -0.25 -1.58
N CYS A 51 -6.35 -0.33 -2.80
CA CYS A 51 -5.45 -0.11 -3.98
C CYS A 51 -5.94 1.20 -4.62
N CYS A 52 -5.06 2.03 -5.07
CA CYS A 52 -5.49 3.31 -5.67
C CYS A 52 -4.72 3.55 -6.95
N GLU A 53 -5.16 4.44 -7.77
CA GLU A 53 -4.42 4.70 -9.04
C GLU A 53 -3.95 6.15 -9.08
N SER A 54 -3.11 6.53 -8.14
CA SER A 54 -2.60 7.93 -8.12
C SER A 54 -1.29 7.96 -7.33
N ASP A 55 -0.42 8.89 -7.62
CA ASP A 55 0.86 8.95 -6.88
C ASP A 55 0.59 9.38 -5.45
N LYS A 56 1.45 9.01 -4.54
CA LYS A 56 1.24 9.41 -3.11
C LYS A 56 -0.24 9.24 -2.75
N CYS A 57 -0.91 8.30 -3.35
CA CYS A 57 -2.36 8.11 -3.05
C CYS A 57 -2.54 7.51 -1.64
N ASN A 58 -1.61 6.74 -1.15
CA ASN A 58 -1.81 6.15 0.20
C ASN A 58 -1.34 7.13 1.28
N LEU A 59 -1.23 8.39 0.96
CA LEU A 59 -0.80 9.39 1.98
C LEU A 59 -1.85 10.50 2.08
#